data_1IYE
#
_entry.id   1IYE
#
_cell.length_a   154.60
_cell.length_b   98.86
_cell.length_c   138.79
_cell.angle_alpha   90
_cell.angle_beta   90
_cell.angle_gamma   90
#
_symmetry.space_group_name_H-M   'C 2 2 21'
#
loop_
_entity.id
_entity.type
_entity.pdbx_description
1 polymer 'BRANCHED-CHAIN AMINO ACID AMINOTRANSFERASE'
2 non-polymer 'N-({3-hydroxy-2-methyl-5-[(phosphonooxy)methyl]pyridin-4-yl}methyl)-L-glutamic acid'
3 water water
#
_entity_poly.entity_id   1
_entity_poly.type   'polypeptide(L)'
_entity_poly.pdbx_seq_one_letter_code
;MTTKKADYIWFNGEMVRWEDAKVHVMSHALHYGTSVFEGIRCYDSHKGPVVFRHREHMQRLHDSAKIYRFPVSQSIDELM
EACRDVIRKNNLTSAYIRPLIFVGDVGMGVNPPAGYSTDVIIAAFPWGAYLGAEALEQGIDAMVSSWNRAAPNTIPTAAK
AGGNYLSSLLVGSEARRHGYQEGIALDVNGYISEGAGENLFEVKDGVLFTPPFTSSALPGITRDAIIKLAKELGIEVREQ
VLSRESLYLADEVFMSGTAAEITPVRSVDGIQVGEGRCGPVTKRIQQAFFGLFTGETEDKWGWLDQVNQ
;
_entity_poly.pdbx_strand_id   A,B,C
#
loop_
_chem_comp.id
_chem_comp.type
_chem_comp.name
_chem_comp.formula
PGU non-polymer 'N-({3-hydroxy-2-methyl-5-[(phosphonooxy)methyl]pyridin-4-yl}methyl)-L-glutamic acid' 'C13 H19 N2 O9 P'
#
# COMPACT_ATOMS: atom_id res chain seq x y z
N LYS A 5 -38.92 -2.38 -15.92
CA LYS A 5 -39.95 -1.38 -16.34
C LYS A 5 -41.05 -1.22 -15.28
N ALA A 6 -41.69 -0.06 -15.30
CA ALA A 6 -42.74 0.29 -14.36
C ALA A 6 -43.63 1.35 -15.00
N ASP A 7 -44.58 1.90 -14.26
CA ASP A 7 -45.50 2.89 -14.82
C ASP A 7 -45.03 4.34 -14.83
N TYR A 8 -44.26 4.74 -13.83
CA TYR A 8 -43.81 6.12 -13.78
C TYR A 8 -42.34 6.32 -13.45
N ILE A 9 -41.79 7.42 -13.96
CA ILE A 9 -40.40 7.78 -13.73
C ILE A 9 -40.34 9.24 -13.27
N TRP A 10 -39.65 9.49 -12.14
CA TRP A 10 -39.49 10.85 -11.62
C TRP A 10 -38.55 11.55 -12.59
N PHE A 11 -38.99 12.67 -13.15
CA PHE A 11 -38.20 13.41 -14.13
C PHE A 11 -38.22 14.89 -13.80
N ASN A 12 -37.10 15.40 -13.29
CA ASN A 12 -36.98 16.81 -12.92
C ASN A 12 -38.10 17.36 -12.04
N GLY A 13 -38.50 16.59 -11.02
CA GLY A 13 -39.54 17.08 -10.13
C GLY A 13 -40.97 16.63 -10.40
N GLU A 14 -41.20 15.90 -11.48
CA GLU A 14 -42.57 15.46 -11.77
C GLU A 14 -42.65 14.00 -12.22
N MET A 15 -43.75 13.33 -11.87
CA MET A 15 -43.94 11.93 -12.25
C MET A 15 -44.42 11.83 -13.69
N VAL A 16 -43.56 11.30 -14.56
CA VAL A 16 -43.87 11.13 -15.98
C VAL A 16 -44.10 9.66 -16.30
N ARG A 17 -45.14 9.32 -17.04
CA ARG A 17 -45.33 7.91 -17.34
C ARG A 17 -44.10 7.39 -18.07
N TRP A 18 -43.68 6.20 -17.68
CA TRP A 18 -42.49 5.56 -18.24
C TRP A 18 -42.24 5.79 -19.73
N GLU A 19 -43.23 5.50 -20.55
CA GLU A 19 -43.08 5.63 -21.99
C GLU A 19 -42.79 7.04 -22.51
N ASP A 20 -43.20 8.05 -21.76
CA ASP A 20 -42.98 9.43 -22.22
C ASP A 20 -41.70 10.06 -21.69
N ALA A 21 -40.96 9.33 -20.85
CA ALA A 21 -39.70 9.85 -20.29
C ALA A 21 -38.62 9.73 -21.35
N LYS A 22 -38.50 10.76 -22.19
CA LYS A 22 -37.51 10.73 -23.25
C LYS A 22 -36.69 12.01 -23.32
N VAL A 23 -35.55 11.92 -24.01
CA VAL A 23 -34.64 13.05 -24.15
C VAL A 23 -34.21 13.20 -25.60
N HIS A 24 -33.77 14.40 -25.95
CA HIS A 24 -33.30 14.66 -27.31
C HIS A 24 -31.99 13.93 -27.54
N VAL A 25 -31.79 13.47 -28.76
CA VAL A 25 -30.58 12.73 -29.11
C VAL A 25 -29.31 13.58 -29.06
N MET A 26 -29.47 14.90 -28.97
CA MET A 26 -28.32 15.80 -28.88
C MET A 26 -28.01 16.11 -27.41
N SER A 27 -28.51 15.26 -26.52
CA SER A 27 -28.27 15.42 -25.09
C SER A 27 -26.79 15.12 -24.87
N HIS A 28 -26.13 16.00 -24.14
CA HIS A 28 -24.69 15.90 -23.88
C HIS A 28 -24.24 14.48 -23.49
N ALA A 29 -24.85 13.94 -22.43
CA ALA A 29 -24.49 12.61 -21.94
C ALA A 29 -24.47 11.51 -23.00
N LEU A 30 -25.28 11.64 -24.04
CA LEU A 30 -25.31 10.61 -25.07
C LEU A 30 -24.03 10.64 -25.91
N HIS A 31 -23.40 11.81 -25.99
CA HIS A 31 -22.19 11.97 -26.78
C HIS A 31 -20.88 12.01 -26.02
N TYR A 32 -20.92 12.38 -24.74
CA TYR A 32 -19.68 12.50 -23.97
C TYR A 32 -19.61 11.79 -22.62
N GLY A 33 -20.51 10.84 -22.39
CA GLY A 33 -20.52 10.09 -21.15
C GLY A 33 -20.71 10.94 -19.91
N THR A 34 -21.19 12.17 -20.09
CA THR A 34 -21.39 13.10 -18.99
C THR A 34 -22.61 12.94 -18.09
N SER A 35 -22.61 11.88 -17.29
CA SER A 35 -23.68 11.62 -16.34
C SER A 35 -23.10 10.86 -15.16
N VAL A 36 -23.78 10.94 -14.03
CA VAL A 36 -23.37 10.20 -12.84
C VAL A 36 -24.65 9.52 -12.39
N PHE A 37 -24.53 8.33 -11.82
CA PHE A 37 -25.72 7.62 -11.42
C PHE A 37 -25.49 6.74 -10.20
N GLU A 38 -26.58 6.17 -9.71
CA GLU A 38 -26.50 5.28 -8.55
C GLU A 38 -27.37 4.06 -8.76
N GLY A 39 -27.14 3.08 -7.91
CA GLY A 39 -27.90 1.85 -7.91
C GLY A 39 -28.31 1.71 -6.46
N ILE A 40 -29.62 1.62 -6.21
CA ILE A 40 -30.12 1.49 -4.85
C ILE A 40 -31.16 0.39 -4.83
N ARG A 41 -31.28 -0.30 -3.70
CA ARG A 41 -32.29 -1.34 -3.59
C ARG A 41 -33.26 -1.05 -2.47
N CYS A 42 -34.53 -1.36 -2.72
CA CYS A 42 -35.57 -1.21 -1.70
C CYS A 42 -35.94 -2.66 -1.39
N TYR A 43 -36.00 -2.98 -0.10
CA TYR A 43 -36.29 -4.34 0.34
C TYR A 43 -37.54 -4.45 1.18
N ASP A 44 -38.22 -5.58 1.09
CA ASP A 44 -39.39 -5.84 1.93
C ASP A 44 -38.73 -6.23 3.24
N SER A 45 -39.25 -5.72 4.36
CA SER A 45 -38.67 -6.06 5.66
C SER A 45 -39.76 -6.14 6.70
N HIS A 46 -39.36 -6.35 7.95
CA HIS A 46 -40.31 -6.42 9.06
C HIS A 46 -40.85 -5.02 9.29
N LYS A 47 -40.11 -4.04 8.79
CA LYS A 47 -40.49 -2.63 8.90
C LYS A 47 -41.20 -2.18 7.63
N GLY A 48 -41.58 -3.15 6.81
CA GLY A 48 -42.23 -2.80 5.55
C GLY A 48 -41.16 -2.45 4.56
N PRO A 49 -41.50 -1.83 3.43
CA PRO A 49 -40.53 -1.44 2.40
C PRO A 49 -39.46 -0.51 2.95
N VAL A 50 -38.20 -0.88 2.75
CA VAL A 50 -37.07 -0.06 3.22
C VAL A 50 -35.94 0.06 2.18
N VAL A 51 -35.46 1.28 1.99
CA VAL A 51 -34.37 1.50 1.06
C VAL A 51 -33.07 1.33 1.83
N PHE A 52 -32.19 0.46 1.34
CA PHE A 52 -30.93 0.17 2.01
C PHE A 52 -29.87 1.25 1.77
N ARG A 53 -29.35 1.79 2.87
CA ARG A 53 -28.34 2.85 2.85
C ARG A 53 -28.68 3.91 1.80
N HIS A 54 -29.90 4.40 1.90
CA HIS A 54 -30.45 5.41 1.01
C HIS A 54 -29.64 6.71 0.94
N ARG A 55 -29.45 7.35 2.10
CA ARG A 55 -28.72 8.61 2.14
C ARG A 55 -27.27 8.47 1.64
N GLU A 56 -26.62 7.36 1.98
CA GLU A 56 -25.25 7.14 1.53
C GLU A 56 -25.17 7.13 0.01
N HIS A 57 -26.16 6.51 -0.64
CA HIS A 57 -26.16 6.46 -2.09
C HIS A 57 -26.41 7.83 -2.72
N MET A 58 -27.31 8.62 -2.13
CA MET A 58 -27.58 9.94 -2.68
C MET A 58 -26.39 10.85 -2.43
N GLN A 59 -25.67 10.61 -1.34
CA GLN A 59 -24.48 11.40 -1.02
C GLN A 59 -23.41 11.10 -2.06
N ARG A 60 -23.25 9.83 -2.40
CA ARG A 60 -22.24 9.47 -3.39
C ARG A 60 -22.60 10.06 -4.74
N LEU A 61 -23.90 10.13 -5.03
CA LEU A 61 -24.38 10.70 -6.29
C LEU A 61 -23.90 12.14 -6.33
N HIS A 62 -24.13 12.86 -5.23
CA HIS A 62 -23.72 14.25 -5.08
C HIS A 62 -22.20 14.37 -5.23
N ASP A 63 -21.47 13.43 -4.64
CA ASP A 63 -20.00 13.42 -4.71
C ASP A 63 -19.51 13.21 -6.14
N SER A 64 -20.16 12.28 -6.86
CA SER A 64 -19.77 12.00 -8.24
C SER A 64 -19.94 13.26 -9.08
N ALA A 65 -21.04 13.99 -8.86
CA ALA A 65 -21.32 15.21 -9.60
C ALA A 65 -20.27 16.29 -9.25
N LYS A 66 -20.01 16.43 -7.95
CA LYS A 66 -19.05 17.42 -7.48
C LYS A 66 -17.68 17.29 -8.16
N ILE A 67 -17.21 16.05 -8.30
CA ILE A 67 -15.92 15.79 -8.94
C ILE A 67 -15.87 16.32 -10.38
N TYR A 68 -16.99 16.25 -11.10
CA TYR A 68 -17.04 16.74 -12.47
C TYR A 68 -17.63 18.14 -12.53
N ARG A 69 -17.99 18.68 -11.37
CA ARG A 69 -18.56 20.01 -11.27
C ARG A 69 -19.91 20.14 -11.99
N PHE A 70 -20.65 19.04 -12.05
CA PHE A 70 -21.97 19.06 -12.66
C PHE A 70 -22.88 19.72 -11.64
N PRO A 71 -23.54 20.84 -12.01
CA PRO A 71 -24.43 21.51 -11.06
C PRO A 71 -25.66 20.66 -10.72
N VAL A 72 -25.95 20.52 -9.44
CA VAL A 72 -27.09 19.72 -8.99
C VAL A 72 -28.05 20.58 -8.18
N SER A 73 -29.26 20.78 -8.71
CA SER A 73 -30.26 21.59 -8.05
C SER A 73 -30.98 20.92 -6.88
N GLN A 74 -31.05 19.60 -6.88
CA GLN A 74 -31.74 18.89 -5.80
C GLN A 74 -30.84 18.64 -4.60
N SER A 75 -31.38 18.84 -3.39
CA SER A 75 -30.63 18.60 -2.18
C SER A 75 -30.68 17.10 -1.94
N ILE A 76 -29.90 16.61 -0.97
CA ILE A 76 -29.91 15.19 -0.69
C ILE A 76 -31.30 14.77 -0.17
N ASP A 77 -31.90 15.59 0.69
CA ASP A 77 -33.22 15.28 1.24
C ASP A 77 -34.29 15.24 0.13
N GLU A 78 -34.16 16.15 -0.82
CA GLU A 78 -35.11 16.21 -1.93
C GLU A 78 -34.99 14.97 -2.81
N LEU A 79 -33.78 14.53 -3.06
CA LEU A 79 -33.57 13.33 -3.88
C LEU A 79 -34.10 12.11 -3.13
N MET A 80 -33.97 12.11 -1.81
CA MET A 80 -34.45 10.98 -1.01
C MET A 80 -35.97 10.89 -1.03
N GLU A 81 -36.64 12.04 -0.96
CA GLU A 81 -38.11 12.07 -0.98
C GLU A 81 -38.61 11.65 -2.36
N ALA A 82 -37.93 12.12 -3.39
CA ALA A 82 -38.31 11.79 -4.76
C ALA A 82 -38.19 10.29 -4.97
N CYS A 83 -37.12 9.69 -4.45
CA CYS A 83 -36.91 8.26 -4.58
C CYS A 83 -38.02 7.48 -3.89
N ARG A 84 -38.36 7.86 -2.68
CA ARG A 84 -39.42 7.18 -1.95
C ARG A 84 -40.75 7.40 -2.67
N ASP A 85 -40.90 8.56 -3.30
CA ASP A 85 -42.11 8.90 -4.04
C ASP A 85 -42.29 8.01 -5.26
N VAL A 86 -41.22 7.77 -6.01
CA VAL A 86 -41.34 6.93 -7.20
C VAL A 86 -41.57 5.48 -6.83
N ILE A 87 -41.07 5.07 -5.66
CA ILE A 87 -41.28 3.69 -5.22
C ILE A 87 -42.76 3.47 -4.94
N ARG A 88 -43.39 4.45 -4.30
CA ARG A 88 -44.81 4.36 -3.97
C ARG A 88 -45.72 4.60 -5.17
N LYS A 89 -45.35 5.55 -6.02
CA LYS A 89 -46.14 5.87 -7.20
C LYS A 89 -46.26 4.63 -8.09
N ASN A 90 -45.25 3.78 -8.05
CA ASN A 90 -45.25 2.56 -8.85
C ASN A 90 -45.76 1.35 -8.07
N ASN A 91 -46.28 1.59 -6.86
CA ASN A 91 -46.81 0.51 -6.03
C ASN A 91 -45.80 -0.59 -5.79
N LEU A 92 -44.56 -0.21 -5.49
CA LEU A 92 -43.53 -1.21 -5.23
C LEU A 92 -43.17 -1.28 -3.75
N THR A 93 -42.81 -2.48 -3.31
CA THR A 93 -42.41 -2.71 -1.91
C THR A 93 -40.94 -3.10 -1.95
N SER A 94 -40.54 -3.76 -3.04
CA SER A 94 -39.14 -4.16 -3.23
C SER A 94 -38.79 -3.69 -4.64
N ALA A 95 -37.55 -3.25 -4.86
CA ALA A 95 -37.19 -2.77 -6.17
C ALA A 95 -35.75 -2.28 -6.28
N TYR A 96 -35.34 -2.01 -7.52
CA TYR A 96 -34.02 -1.47 -7.81
C TYR A 96 -34.33 -0.03 -8.24
N ILE A 97 -33.56 0.92 -7.71
CA ILE A 97 -33.76 2.31 -8.03
C ILE A 97 -32.54 2.84 -8.78
N ARG A 98 -32.77 3.57 -9.87
CA ARG A 98 -31.70 4.11 -10.68
C ARG A 98 -31.76 5.63 -10.82
N PRO A 99 -31.02 6.37 -9.96
CA PRO A 99 -31.05 7.83 -10.09
C PRO A 99 -30.02 8.13 -11.16
N LEU A 100 -30.27 9.14 -11.99
CA LEU A 100 -29.33 9.48 -13.06
C LEU A 100 -29.30 11.00 -13.22
N ILE A 101 -28.12 11.58 -13.03
CA ILE A 101 -27.93 13.01 -13.19
C ILE A 101 -27.11 13.12 -14.47
N PHE A 102 -27.62 13.85 -15.45
CA PHE A 102 -26.91 13.95 -16.72
C PHE A 102 -26.98 15.31 -17.38
N VAL A 103 -25.93 15.63 -18.14
CA VAL A 103 -25.90 16.89 -18.85
C VAL A 103 -26.84 16.63 -20.03
N GLY A 104 -27.83 17.52 -20.19
CA GLY A 104 -28.80 17.34 -21.25
C GLY A 104 -28.53 18.06 -22.56
N ASP A 105 -29.60 18.53 -23.17
CA ASP A 105 -29.55 19.23 -24.45
C ASP A 105 -29.01 20.65 -24.23
N VAL A 106 -27.69 20.80 -24.24
CA VAL A 106 -27.06 22.10 -24.01
C VAL A 106 -26.11 22.52 -25.12
N GLY A 107 -26.08 21.75 -26.20
CA GLY A 107 -25.21 22.07 -27.30
C GLY A 107 -24.05 21.09 -27.39
N MET A 108 -23.41 21.01 -28.56
CA MET A 108 -22.30 20.10 -28.74
C MET A 108 -21.02 20.73 -28.19
N GLY A 109 -19.97 19.93 -28.10
CA GLY A 109 -18.73 20.44 -27.55
C GLY A 109 -18.65 19.95 -26.12
N VAL A 110 -17.64 19.12 -25.84
CA VAL A 110 -17.46 18.53 -24.52
C VAL A 110 -17.66 19.47 -23.32
N ASN A 111 -17.23 20.72 -23.42
CA ASN A 111 -17.40 21.66 -22.32
C ASN A 111 -18.76 22.34 -22.41
N PRO A 112 -19.68 22.06 -21.46
CA PRO A 112 -21.02 22.67 -21.46
C PRO A 112 -20.94 24.18 -21.25
N PRO A 113 -21.90 24.94 -21.83
CA PRO A 113 -21.92 26.39 -21.68
C PRO A 113 -22.12 26.84 -20.24
N ALA A 114 -21.43 27.92 -19.86
CA ALA A 114 -21.56 28.45 -18.52
C ALA A 114 -23.02 28.65 -18.15
N GLY A 115 -23.35 28.35 -16.90
CA GLY A 115 -24.73 28.51 -16.43
C GLY A 115 -25.68 27.39 -16.78
N TYR A 116 -25.17 26.27 -17.28
CA TYR A 116 -26.04 25.16 -17.64
C TYR A 116 -26.57 24.43 -16.39
N SER A 117 -27.62 23.64 -16.59
CA SER A 117 -28.22 22.86 -15.51
C SER A 117 -28.25 21.41 -15.97
N THR A 118 -28.38 20.49 -15.02
CA THR A 118 -28.41 19.08 -15.35
C THR A 118 -29.83 18.57 -15.23
N ASP A 119 -30.12 17.50 -15.96
CA ASP A 119 -31.45 16.87 -15.91
C ASP A 119 -31.29 15.72 -14.91
N VAL A 120 -32.36 15.35 -14.22
CA VAL A 120 -32.27 14.26 -13.26
C VAL A 120 -33.44 13.29 -13.39
N ILE A 121 -33.11 12.01 -13.40
CA ILE A 121 -34.10 10.95 -13.52
C ILE A 121 -33.95 10.00 -12.33
N ILE A 122 -35.06 9.38 -11.93
CA ILE A 122 -35.07 8.39 -10.86
C ILE A 122 -36.11 7.35 -11.24
N ALA A 123 -35.64 6.21 -11.75
CA ALA A 123 -36.53 5.14 -12.15
C ALA A 123 -36.42 4.02 -11.13
N ALA A 124 -37.56 3.43 -10.79
CA ALA A 124 -37.62 2.34 -9.83
C ALA A 124 -38.35 1.19 -10.51
N PHE A 125 -37.85 -0.03 -10.31
CA PHE A 125 -38.47 -1.19 -10.92
C PHE A 125 -37.91 -2.47 -10.31
N PRO A 126 -38.62 -3.59 -10.46
CA PRO A 126 -38.14 -4.85 -9.89
C PRO A 126 -36.93 -5.31 -10.69
N TRP A 127 -35.92 -5.84 -10.01
CA TRP A 127 -34.73 -6.34 -10.70
C TRP A 127 -34.16 -7.55 -9.96
N GLY A 128 -34.08 -8.69 -10.66
CA GLY A 128 -33.58 -9.92 -10.06
C GLY A 128 -32.09 -9.92 -9.78
N ALA A 129 -31.59 -11.01 -9.19
CA ALA A 129 -30.18 -11.12 -8.86
C ALA A 129 -29.31 -10.78 -10.07
N TYR A 130 -28.44 -9.78 -9.88
CA TYR A 130 -27.54 -9.29 -10.92
C TYR A 130 -26.81 -10.37 -11.72
N LEU A 131 -26.34 -11.41 -11.05
CA LEU A 131 -25.60 -12.45 -11.74
C LEU A 131 -26.29 -13.80 -11.92
N GLY A 132 -27.60 -13.85 -11.70
CA GLY A 132 -28.31 -15.10 -11.89
C GLY A 132 -29.23 -15.53 -10.75
N ALA A 133 -30.23 -16.32 -11.12
CA ALA A 133 -31.23 -16.82 -10.18
C ALA A 133 -30.65 -17.78 -9.14
N GLU A 134 -29.44 -18.28 -9.39
CA GLU A 134 -28.79 -19.21 -8.47
C GLU A 134 -27.48 -18.65 -7.98
N ALA A 135 -27.15 -17.44 -8.41
CA ALA A 135 -25.90 -16.79 -8.05
C ALA A 135 -25.65 -16.68 -6.54
N LEU A 136 -26.57 -16.03 -5.82
CA LEU A 136 -26.43 -15.86 -4.38
C LEU A 136 -26.30 -17.19 -3.64
N GLU A 137 -27.06 -18.17 -4.11
CA GLU A 137 -27.06 -19.49 -3.50
C GLU A 137 -25.91 -20.42 -3.85
N GLN A 138 -25.63 -20.58 -5.14
CA GLN A 138 -24.58 -21.51 -5.56
C GLN A 138 -23.24 -20.91 -5.97
N GLY A 139 -23.19 -19.58 -6.12
CA GLY A 139 -21.95 -18.94 -6.50
C GLY A 139 -21.80 -18.85 -8.01
N ILE A 140 -20.75 -18.20 -8.47
CA ILE A 140 -20.53 -18.06 -9.90
C ILE A 140 -19.09 -18.31 -10.31
N ASP A 141 -18.89 -18.51 -11.60
CA ASP A 141 -17.57 -18.75 -12.15
C ASP A 141 -17.08 -17.42 -12.69
N ALA A 142 -15.96 -16.92 -12.18
CA ALA A 142 -15.45 -15.64 -12.62
C ALA A 142 -14.21 -15.82 -13.49
N MET A 143 -13.86 -14.76 -14.23
CA MET A 143 -12.71 -14.77 -15.12
C MET A 143 -11.92 -13.48 -14.97
N VAL A 144 -10.59 -13.58 -14.96
CA VAL A 144 -9.77 -12.38 -14.87
C VAL A 144 -9.70 -11.85 -16.30
N SER A 145 -10.16 -10.62 -16.48
CA SER A 145 -10.21 -10.01 -17.81
C SER A 145 -8.85 -9.60 -18.39
N SER A 146 -8.79 -9.50 -19.72
CA SER A 146 -7.57 -9.08 -20.40
C SER A 146 -7.61 -7.56 -20.56
N TRP A 147 -8.64 -6.93 -20.02
CA TRP A 147 -8.78 -5.47 -20.07
C TRP A 147 -8.54 -4.93 -18.66
N ASN A 148 -7.77 -3.85 -18.54
CA ASN A 148 -7.48 -3.28 -17.21
C ASN A 148 -8.39 -2.11 -16.86
N ARG A 149 -8.47 -1.82 -15.56
CA ARG A 149 -9.26 -0.71 -15.05
C ARG A 149 -8.55 0.62 -15.27
N ALA A 150 -9.31 1.71 -15.32
CA ALA A 150 -8.77 3.05 -15.53
C ALA A 150 -7.64 3.37 -14.56
N ALA A 151 -6.59 3.98 -15.08
CA ALA A 151 -5.43 4.35 -14.27
C ALA A 151 -5.73 5.53 -13.36
N PRO A 152 -4.99 5.65 -12.25
CA PRO A 152 -5.23 6.77 -11.35
C PRO A 152 -5.03 8.09 -12.09
N ASN A 153 -5.81 9.09 -11.70
CA ASN A 153 -5.73 10.42 -12.29
C ASN A 153 -6.04 10.54 -13.79
N THR A 154 -6.86 9.63 -14.31
CA THR A 154 -7.26 9.73 -15.72
C THR A 154 -8.75 10.09 -15.60
N ILE A 155 -9.58 9.13 -15.19
CA ILE A 155 -10.99 9.39 -14.93
C ILE A 155 -11.11 8.90 -13.49
N PRO A 156 -11.62 9.73 -12.57
CA PRO A 156 -11.77 9.34 -11.16
C PRO A 156 -12.62 8.08 -11.03
N THR A 157 -12.07 7.04 -10.41
CA THR A 157 -12.82 5.80 -10.24
C THR A 157 -13.61 5.77 -8.93
N ALA A 158 -13.52 6.86 -8.18
CA ALA A 158 -14.25 6.98 -6.92
C ALA A 158 -15.65 7.47 -7.29
N ALA A 159 -15.78 7.93 -8.53
CA ALA A 159 -17.06 8.43 -9.02
C ALA A 159 -17.80 7.34 -9.80
N LYS A 160 -19.12 7.40 -9.75
CA LYS A 160 -19.94 6.46 -10.46
C LYS A 160 -20.53 7.28 -11.60
N ALA A 161 -19.80 7.34 -12.70
CA ALA A 161 -20.20 8.13 -13.85
C ALA A 161 -20.38 7.25 -15.10
N GLY A 162 -21.29 7.67 -15.96
CA GLY A 162 -21.56 6.91 -17.17
C GLY A 162 -20.35 6.53 -18.00
N GLY A 163 -19.54 7.53 -18.36
CA GLY A 163 -18.37 7.26 -19.18
C GLY A 163 -17.47 6.15 -18.66
N ASN A 164 -17.49 5.93 -17.36
CA ASN A 164 -16.67 4.89 -16.75
C ASN A 164 -16.95 3.50 -17.30
N TYR A 165 -18.23 3.23 -17.55
CA TYR A 165 -18.65 1.90 -17.96
C TYR A 165 -18.27 1.31 -19.30
N LEU A 166 -17.57 2.06 -20.13
CA LEU A 166 -17.11 1.50 -21.39
C LEU A 166 -16.15 0.38 -20.95
N SER A 167 -15.41 0.66 -19.88
CA SER A 167 -14.46 -0.32 -19.35
C SER A 167 -15.21 -1.52 -18.79
N SER A 168 -16.25 -1.24 -18.01
CA SER A 168 -17.03 -2.32 -17.43
C SER A 168 -17.61 -3.20 -18.54
N LEU A 169 -18.02 -2.60 -19.66
CA LEU A 169 -18.57 -3.35 -20.79
C LEU A 169 -17.53 -4.28 -21.38
N LEU A 170 -16.31 -3.78 -21.58
CA LEU A 170 -15.25 -4.61 -22.13
C LEU A 170 -14.93 -5.80 -21.22
N VAL A 171 -14.79 -5.52 -19.93
CA VAL A 171 -14.47 -6.56 -18.95
C VAL A 171 -15.59 -7.58 -18.77
N GLY A 172 -16.81 -7.08 -18.61
CA GLY A 172 -17.95 -7.96 -18.39
C GLY A 172 -18.34 -8.80 -19.60
N SER A 173 -18.31 -8.19 -20.78
CA SER A 173 -18.67 -8.89 -22.00
C SER A 173 -17.63 -9.96 -22.34
N GLU A 174 -16.37 -9.71 -22.00
CA GLU A 174 -15.32 -10.70 -22.29
C GLU A 174 -15.50 -11.95 -21.43
N ALA A 175 -15.90 -11.77 -20.18
CA ALA A 175 -16.10 -12.92 -19.30
C ALA A 175 -17.26 -13.73 -19.85
N ARG A 176 -18.33 -13.03 -20.19
CA ARG A 176 -19.54 -13.66 -20.70
C ARG A 176 -19.33 -14.39 -22.03
N ARG A 177 -18.52 -13.83 -22.93
CA ARG A 177 -18.26 -14.47 -24.22
C ARG A 177 -17.44 -15.76 -24.08
N HIS A 178 -16.62 -15.82 -23.03
CA HIS A 178 -15.78 -16.99 -22.81
C HIS A 178 -16.41 -18.04 -21.90
N GLY A 179 -17.71 -17.89 -21.62
CA GLY A 179 -18.41 -18.86 -20.81
C GLY A 179 -18.55 -18.59 -19.32
N TYR A 180 -18.05 -17.46 -18.83
CA TYR A 180 -18.14 -17.15 -17.40
C TYR A 180 -19.31 -16.20 -17.09
N GLN A 181 -19.64 -16.06 -15.80
CA GLN A 181 -20.73 -15.19 -15.41
C GLN A 181 -20.32 -13.75 -15.09
N GLU A 182 -19.06 -13.54 -14.74
CA GLU A 182 -18.58 -12.19 -14.46
C GLU A 182 -17.06 -12.08 -14.61
N GLY A 183 -16.61 -10.87 -14.90
CA GLY A 183 -15.19 -10.64 -15.08
C GLY A 183 -14.61 -9.81 -13.95
N ILE A 184 -13.38 -10.15 -13.58
CA ILE A 184 -12.64 -9.46 -12.54
C ILE A 184 -11.52 -8.76 -13.29
N ALA A 185 -11.35 -7.46 -13.05
CA ALA A 185 -10.32 -6.69 -13.72
C ALA A 185 -9.14 -6.34 -12.81
N LEU A 186 -7.96 -6.26 -13.42
CA LEU A 186 -6.75 -5.88 -12.71
C LEU A 186 -6.52 -4.40 -13.01
N ASP A 187 -5.83 -3.69 -12.13
CA ASP A 187 -5.57 -2.28 -12.42
C ASP A 187 -4.35 -2.22 -13.33
N VAL A 188 -3.92 -1.01 -13.68
CA VAL A 188 -2.79 -0.86 -14.57
C VAL A 188 -1.47 -1.37 -13.99
N ASN A 189 -1.48 -1.68 -12.70
CA ASN A 189 -0.28 -2.18 -12.02
C ASN A 189 -0.24 -3.70 -12.01
N GLY A 190 -1.34 -4.33 -12.38
CA GLY A 190 -1.38 -5.77 -12.42
C GLY A 190 -1.94 -6.40 -11.15
N TYR A 191 -2.61 -5.60 -10.32
CA TYR A 191 -3.21 -6.11 -9.08
C TYR A 191 -4.73 -6.17 -9.23
N ILE A 192 -5.38 -6.95 -8.36
CA ILE A 192 -6.83 -7.06 -8.42
C ILE A 192 -7.49 -5.73 -8.16
N SER A 193 -8.45 -5.36 -9.01
CA SER A 193 -9.17 -4.12 -8.86
C SER A 193 -10.59 -4.38 -8.35
N GLU A 194 -11.47 -4.78 -9.26
CA GLU A 194 -12.86 -5.07 -8.91
C GLU A 194 -13.50 -5.81 -10.06
N GLY A 195 -14.76 -6.19 -9.89
CA GLY A 195 -15.47 -6.87 -10.96
C GLY A 195 -16.04 -5.79 -11.85
N ALA A 196 -16.51 -6.14 -13.04
CA ALA A 196 -17.08 -5.17 -13.95
C ALA A 196 -18.18 -4.34 -13.28
N GLY A 197 -18.91 -4.94 -12.35
CA GLY A 197 -19.99 -4.26 -11.67
C GLY A 197 -20.10 -4.54 -10.19
N GLU A 198 -19.00 -4.92 -9.58
CA GLU A 198 -19.03 -5.22 -8.15
C GLU A 198 -17.62 -5.20 -7.55
N ASN A 199 -17.55 -5.08 -6.23
CA ASN A 199 -16.25 -5.10 -5.55
C ASN A 199 -15.89 -6.55 -5.29
N LEU A 200 -14.60 -6.81 -5.10
CA LEU A 200 -14.06 -8.17 -4.88
C LEU A 200 -13.54 -8.37 -3.46
N PHE A 201 -13.93 -9.49 -2.85
CA PHE A 201 -13.48 -9.84 -1.50
C PHE A 201 -12.84 -11.22 -1.54
N GLU A 202 -11.86 -11.45 -0.65
CA GLU A 202 -11.18 -12.72 -0.53
C GLU A 202 -11.19 -13.09 0.95
N VAL A 203 -11.16 -14.39 1.24
CA VAL A 203 -11.11 -14.88 2.61
C VAL A 203 -9.93 -15.83 2.69
N LYS A 204 -9.08 -15.67 3.69
CA LYS A 204 -7.91 -16.55 3.83
C LYS A 204 -7.54 -16.63 5.31
N ASP A 205 -7.61 -17.84 5.85
CA ASP A 205 -7.30 -18.09 7.25
C ASP A 205 -8.21 -17.31 8.20
N GLY A 206 -9.48 -17.18 7.83
CA GLY A 206 -10.43 -16.47 8.65
C GLY A 206 -10.39 -14.96 8.56
N VAL A 207 -9.49 -14.45 7.71
CA VAL A 207 -9.37 -13.00 7.54
C VAL A 207 -9.95 -12.57 6.20
N LEU A 208 -10.67 -11.45 6.21
CA LEU A 208 -11.30 -10.90 5.01
C LEU A 208 -10.41 -9.82 4.39
N PHE A 209 -10.18 -9.93 3.08
CA PHE A 209 -9.35 -8.96 2.35
C PHE A 209 -10.13 -8.34 1.18
N THR A 210 -9.82 -7.07 0.90
CA THR A 210 -10.44 -6.39 -0.24
C THR A 210 -9.54 -5.22 -0.63
N PRO A 211 -9.34 -4.99 -1.94
CA PRO A 211 -8.50 -3.89 -2.44
C PRO A 211 -8.97 -2.51 -2.01
N PRO A 212 -8.04 -1.55 -1.83
CA PRO A 212 -8.40 -0.20 -1.43
C PRO A 212 -8.86 0.56 -2.69
N PHE A 213 -9.38 1.77 -2.52
CA PHE A 213 -9.86 2.55 -3.67
C PHE A 213 -8.74 2.89 -4.66
N THR A 214 -7.51 2.94 -4.17
CA THR A 214 -6.36 3.27 -5.01
C THR A 214 -5.99 2.14 -5.96
N SER A 215 -6.71 1.03 -5.86
CA SER A 215 -6.48 -0.09 -6.76
C SER A 215 -7.55 0.03 -7.85
N SER A 216 -8.00 1.27 -8.05
CA SER A 216 -9.00 1.61 -9.05
C SER A 216 -10.32 0.90 -8.82
N ALA A 217 -10.69 0.75 -7.55
CA ALA A 217 -11.94 0.10 -7.18
C ALA A 217 -12.92 1.14 -6.66
N LEU A 218 -14.18 1.01 -7.07
CA LEU A 218 -15.19 1.95 -6.63
C LEU A 218 -15.44 1.75 -5.13
N PRO A 219 -15.64 2.84 -4.38
CA PRO A 219 -15.89 2.71 -2.94
C PRO A 219 -17.31 2.21 -2.73
N GLY A 220 -17.51 0.93 -3.01
CA GLY A 220 -18.82 0.30 -2.88
C GLY A 220 -19.48 0.51 -1.53
N ILE A 221 -20.78 0.79 -1.57
CA ILE A 221 -21.55 1.00 -0.35
C ILE A 221 -21.88 -0.36 0.26
N THR A 222 -21.96 -1.39 -0.57
CA THR A 222 -22.21 -2.74 -0.08
C THR A 222 -20.90 -3.18 0.57
N ARG A 223 -19.80 -2.88 -0.12
CA ARG A 223 -18.45 -3.19 0.33
C ARG A 223 -18.27 -2.63 1.75
N ASP A 224 -18.65 -1.37 1.91
CA ASP A 224 -18.54 -0.70 3.20
C ASP A 224 -19.39 -1.35 4.28
N ALA A 225 -20.61 -1.76 3.94
CA ALA A 225 -21.50 -2.39 4.90
C ALA A 225 -20.95 -3.76 5.30
N ILE A 226 -20.33 -4.46 4.35
CA ILE A 226 -19.77 -5.78 4.63
C ILE A 226 -18.60 -5.69 5.60
N ILE A 227 -17.77 -4.66 5.40
CA ILE A 227 -16.62 -4.45 6.27
C ILE A 227 -17.11 -4.14 7.68
N LYS A 228 -18.15 -3.31 7.79
CA LYS A 228 -18.70 -2.96 9.09
C LYS A 228 -19.40 -4.15 9.74
N LEU A 229 -20.09 -4.96 8.94
CA LEU A 229 -20.77 -6.14 9.46
C LEU A 229 -19.75 -7.16 9.92
N ALA A 230 -18.70 -7.33 9.12
CA ALA A 230 -17.64 -8.29 9.40
C ALA A 230 -16.99 -7.99 10.75
N LYS A 231 -16.77 -6.71 11.02
CA LYS A 231 -16.14 -6.32 12.27
C LYS A 231 -17.06 -6.64 13.44
N GLU A 232 -18.36 -6.54 13.22
CA GLU A 232 -19.33 -6.87 14.26
C GLU A 232 -19.24 -8.35 14.55
N LEU A 233 -19.07 -9.14 13.50
CA LEU A 233 -18.97 -10.60 13.60
C LEU A 233 -17.63 -11.04 14.18
N GLY A 234 -16.77 -10.07 14.49
CA GLY A 234 -15.47 -10.39 15.05
C GLY A 234 -14.50 -10.86 13.99
N ILE A 235 -14.81 -10.59 12.73
CA ILE A 235 -13.95 -10.99 11.63
C ILE A 235 -12.93 -9.89 11.31
N GLU A 236 -11.65 -10.25 11.23
CA GLU A 236 -10.62 -9.28 10.91
C GLU A 236 -10.69 -8.91 9.44
N VAL A 237 -10.60 -7.61 9.14
CA VAL A 237 -10.65 -7.12 7.78
C VAL A 237 -9.36 -6.36 7.42
N ARG A 238 -8.85 -6.63 6.23
CA ARG A 238 -7.64 -5.97 5.76
C ARG A 238 -7.85 -5.39 4.36
N GLU A 239 -7.86 -4.07 4.29
CA GLU A 239 -8.01 -3.40 3.01
C GLU A 239 -6.59 -3.24 2.50
N GLN A 240 -6.23 -4.02 1.49
CA GLN A 240 -4.87 -3.99 0.95
C GLN A 240 -4.81 -4.45 -0.49
N VAL A 241 -3.69 -4.13 -1.14
CA VAL A 241 -3.48 -4.54 -2.53
C VAL A 241 -3.37 -6.06 -2.55
N LEU A 242 -4.00 -6.68 -3.55
CA LEU A 242 -4.00 -8.13 -3.69
C LEU A 242 -3.43 -8.55 -5.04
N SER A 243 -2.67 -9.63 -5.06
CA SER A 243 -2.09 -10.11 -6.30
C SER A 243 -3.12 -10.84 -7.12
N ARG A 244 -2.88 -10.95 -8.41
CA ARG A 244 -3.82 -11.64 -9.29
C ARG A 244 -3.93 -13.10 -8.84
N GLU A 245 -2.80 -13.74 -8.57
CA GLU A 245 -2.79 -15.15 -8.16
C GLU A 245 -3.40 -15.43 -6.78
N SER A 246 -3.54 -14.39 -5.97
CA SER A 246 -4.13 -14.57 -4.64
C SER A 246 -5.54 -15.10 -4.79
N LEU A 247 -6.10 -14.94 -5.98
CA LEU A 247 -7.45 -15.42 -6.25
C LEU A 247 -7.50 -16.95 -6.26
N TYR A 248 -6.40 -17.56 -6.68
CA TYR A 248 -6.30 -19.01 -6.75
C TYR A 248 -5.91 -19.65 -5.42
N LEU A 249 -5.41 -18.83 -4.49
CA LEU A 249 -4.99 -19.37 -3.20
C LEU A 249 -5.92 -19.00 -2.05
N ALA A 250 -6.92 -18.15 -2.32
CA ALA A 250 -7.84 -17.74 -1.28
C ALA A 250 -8.75 -18.89 -0.85
N ASP A 251 -9.14 -18.92 0.42
CA ASP A 251 -10.02 -19.98 0.91
C ASP A 251 -11.43 -19.75 0.37
N GLU A 252 -11.78 -18.48 0.20
CA GLU A 252 -13.09 -18.10 -0.32
C GLU A 252 -12.95 -16.81 -1.13
N VAL A 253 -13.91 -16.58 -2.02
CA VAL A 253 -13.93 -15.37 -2.83
C VAL A 253 -15.39 -15.01 -3.10
N PHE A 254 -15.73 -13.75 -2.93
CA PHE A 254 -17.09 -13.33 -3.23
C PHE A 254 -17.15 -11.91 -3.75
N MET A 255 -18.25 -11.58 -4.42
CA MET A 255 -18.43 -10.25 -4.98
C MET A 255 -19.55 -9.54 -4.24
N SER A 256 -19.45 -8.21 -4.16
CA SER A 256 -20.46 -7.42 -3.48
C SER A 256 -20.92 -6.27 -4.36
N GLY A 257 -22.18 -5.88 -4.19
CA GLY A 257 -22.73 -4.79 -4.97
C GLY A 257 -24.19 -4.63 -4.64
N THR A 258 -24.74 -3.47 -4.96
CA THR A 258 -26.15 -3.21 -4.70
C THR A 258 -27.02 -4.17 -5.50
N ALA A 259 -26.65 -4.37 -6.76
CA ALA A 259 -27.39 -5.28 -7.66
C ALA A 259 -27.06 -6.74 -7.37
N ALA A 260 -25.77 -7.06 -7.27
CA ALA A 260 -25.31 -8.42 -7.01
C ALA A 260 -25.31 -8.83 -5.54
N GLU A 261 -25.66 -7.90 -4.66
CA GLU A 261 -25.68 -8.17 -3.22
C GLU A 261 -24.39 -8.86 -2.78
N ILE A 262 -24.47 -10.10 -2.32
CA ILE A 262 -23.27 -10.84 -1.93
C ILE A 262 -23.26 -12.13 -2.73
N THR A 263 -22.46 -12.17 -3.79
CA THR A 263 -22.41 -13.35 -4.65
C THR A 263 -21.11 -14.12 -4.51
N PRO A 264 -21.19 -15.36 -3.98
CA PRO A 264 -19.98 -16.15 -3.82
C PRO A 264 -19.39 -16.48 -5.19
N VAL A 265 -18.07 -16.63 -5.24
CA VAL A 265 -17.39 -16.98 -6.48
C VAL A 265 -16.79 -18.36 -6.24
N ARG A 266 -17.37 -19.37 -6.88
CA ARG A 266 -16.91 -20.75 -6.73
C ARG A 266 -15.62 -21.08 -7.47
N SER A 267 -15.34 -20.35 -8.54
CA SER A 267 -14.12 -20.59 -9.31
C SER A 267 -13.65 -19.34 -10.03
N VAL A 268 -12.35 -19.27 -10.28
CA VAL A 268 -11.75 -18.14 -10.99
C VAL A 268 -10.87 -18.74 -12.10
N ASP A 269 -11.13 -18.33 -13.33
CA ASP A 269 -10.39 -18.82 -14.49
C ASP A 269 -10.42 -20.35 -14.54
N GLY A 270 -11.51 -20.93 -14.08
CA GLY A 270 -11.63 -22.38 -14.09
C GLY A 270 -10.97 -23.08 -12.92
N ILE A 271 -10.37 -22.31 -12.01
CA ILE A 271 -9.73 -22.90 -10.83
C ILE A 271 -10.70 -22.81 -9.66
N GLN A 272 -11.08 -23.98 -9.14
CA GLN A 272 -12.03 -24.06 -8.04
C GLN A 272 -11.55 -23.38 -6.77
N VAL A 273 -12.44 -22.59 -6.17
CA VAL A 273 -12.17 -21.88 -4.93
C VAL A 273 -12.72 -22.73 -3.79
N GLY A 274 -11.87 -23.06 -2.82
CA GLY A 274 -12.32 -23.86 -1.69
C GLY A 274 -12.97 -25.15 -2.16
N GLU A 275 -14.13 -25.47 -1.58
CA GLU A 275 -14.88 -26.69 -1.90
C GLU A 275 -15.70 -26.53 -3.17
N GLY A 276 -15.74 -25.31 -3.70
CA GLY A 276 -16.51 -25.05 -4.89
C GLY A 276 -17.89 -24.53 -4.55
N ARG A 277 -18.06 -24.10 -3.31
CA ARG A 277 -19.33 -23.59 -2.84
C ARG A 277 -19.20 -22.33 -2.00
N CYS A 278 -20.34 -21.82 -1.53
CA CYS A 278 -20.31 -20.63 -0.68
C CYS A 278 -19.52 -21.02 0.56
N GLY A 279 -18.38 -20.36 0.78
CA GLY A 279 -17.56 -20.68 1.94
C GLY A 279 -18.27 -20.32 3.22
N PRO A 280 -17.79 -20.81 4.39
CA PRO A 280 -18.42 -20.52 5.68
C PRO A 280 -18.41 -19.04 6.09
N VAL A 281 -17.31 -18.35 5.82
CA VAL A 281 -17.22 -16.92 6.16
C VAL A 281 -18.15 -16.11 5.27
N THR A 282 -18.17 -16.43 3.98
CA THR A 282 -19.04 -15.70 3.07
C THR A 282 -20.45 -15.91 3.60
N LYS A 283 -20.74 -17.15 3.99
CA LYS A 283 -22.04 -17.50 4.56
C LYS A 283 -22.39 -16.65 5.78
N ARG A 284 -21.48 -16.55 6.75
CA ARG A 284 -21.75 -15.74 7.94
C ARG A 284 -22.13 -14.32 7.57
N ILE A 285 -21.36 -13.74 6.65
CA ILE A 285 -21.58 -12.37 6.18
C ILE A 285 -22.89 -12.19 5.44
N GLN A 286 -23.23 -13.16 4.60
CA GLN A 286 -24.45 -13.13 3.80
C GLN A 286 -25.71 -13.20 4.69
N GLN A 287 -25.67 -14.04 5.71
CA GLN A 287 -26.80 -14.18 6.62
C GLN A 287 -26.98 -12.94 7.47
N ALA A 288 -25.87 -12.30 7.82
CA ALA A 288 -25.90 -11.08 8.62
C ALA A 288 -26.51 -9.95 7.82
N PHE A 289 -26.17 -9.90 6.54
CA PHE A 289 -26.66 -8.88 5.62
C PHE A 289 -28.17 -9.01 5.40
N PHE A 290 -28.61 -10.18 4.96
CA PHE A 290 -30.03 -10.39 4.71
C PHE A 290 -30.82 -10.38 6.02
N GLY A 291 -30.12 -10.61 7.12
CA GLY A 291 -30.77 -10.61 8.42
C GLY A 291 -31.27 -9.23 8.76
N LEU A 292 -30.70 -8.20 8.13
CA LEU A 292 -31.11 -6.82 8.38
C LEU A 292 -32.58 -6.61 8.03
N PHE A 293 -33.07 -7.34 7.03
CA PHE A 293 -34.44 -7.18 6.60
C PHE A 293 -35.45 -8.10 7.30
N THR A 294 -34.95 -8.88 8.26
CA THR A 294 -35.81 -9.78 9.03
C THR A 294 -35.79 -9.26 10.45
N GLY A 295 -34.75 -8.52 10.78
CA GLY A 295 -34.61 -7.98 12.12
C GLY A 295 -33.66 -8.86 12.91
N GLU A 296 -33.31 -10.01 12.34
CA GLU A 296 -32.40 -10.95 12.98
C GLU A 296 -31.06 -10.27 13.23
N THR A 297 -30.72 -9.33 12.35
CA THR A 297 -29.48 -8.56 12.48
C THR A 297 -29.94 -7.17 12.91
N GLU A 298 -29.44 -6.69 14.05
CA GLU A 298 -29.83 -5.37 14.53
C GLU A 298 -29.25 -4.28 13.63
N ASP A 299 -30.11 -3.35 13.21
CA ASP A 299 -29.68 -2.25 12.35
C ASP A 299 -29.01 -1.22 13.25
N LYS A 300 -27.76 -1.48 13.60
CA LYS A 300 -27.00 -0.61 14.47
C LYS A 300 -26.51 0.68 13.82
N TRP A 301 -26.41 0.69 12.50
CA TRP A 301 -25.91 1.87 11.79
C TRP A 301 -26.99 2.79 11.21
N GLY A 302 -28.24 2.33 11.20
CA GLY A 302 -29.30 3.15 10.64
C GLY A 302 -29.29 3.08 9.12
N TRP A 303 -29.16 1.86 8.60
CA TRP A 303 -29.12 1.63 7.16
C TRP A 303 -30.47 1.40 6.47
N LEU A 304 -31.53 1.23 7.25
CA LEU A 304 -32.85 0.98 6.67
C LEU A 304 -33.76 2.20 6.67
N ASP A 305 -33.93 2.83 5.52
CA ASP A 305 -34.79 4.01 5.40
C ASP A 305 -36.20 3.54 5.00
N GLN A 306 -37.18 3.78 5.86
CA GLN A 306 -38.55 3.37 5.58
C GLN A 306 -39.18 4.17 4.47
N VAL A 307 -39.76 3.46 3.52
CA VAL A 307 -40.43 4.08 2.38
C VAL A 307 -41.75 4.64 2.89
N ASN A 308 -42.35 3.90 3.82
CA ASN A 308 -43.65 4.21 4.41
C ASN A 308 -44.75 3.55 3.59
N LYS B 5 25.15 -34.58 -1.50
CA LYS B 5 24.62 -35.90 -1.97
C LYS B 5 24.25 -36.80 -0.77
N ALA B 6 23.46 -37.82 -1.05
CA ALA B 6 23.02 -38.78 -0.05
C ALA B 6 22.94 -40.13 -0.75
N ASP B 7 22.20 -41.08 -0.19
CA ASP B 7 22.09 -42.40 -0.79
C ASP B 7 20.76 -42.67 -1.50
N TYR B 8 19.67 -42.16 -0.95
CA TYR B 8 18.36 -42.35 -1.57
C TYR B 8 17.69 -41.03 -1.90
N ILE B 9 16.83 -41.08 -2.90
CA ILE B 9 16.03 -39.94 -3.31
C ILE B 9 14.66 -40.53 -3.55
N TRP B 10 13.63 -39.87 -3.06
CA TRP B 10 12.27 -40.34 -3.28
C TRP B 10 11.95 -39.90 -4.70
N PHE B 11 11.48 -40.84 -5.52
CA PHE B 11 11.18 -40.54 -6.91
C PHE B 11 9.90 -41.24 -7.33
N ASN B 12 8.86 -40.45 -7.59
CA ASN B 12 7.54 -40.94 -8.01
C ASN B 12 7.01 -42.11 -7.20
N GLY B 13 6.94 -41.92 -5.88
CA GLY B 13 6.42 -42.96 -5.00
C GLY B 13 7.40 -43.99 -4.50
N GLU B 14 8.60 -44.05 -5.07
CA GLU B 14 9.58 -45.04 -4.64
C GLU B 14 10.92 -44.46 -4.24
N MET B 15 11.54 -45.08 -3.24
CA MET B 15 12.85 -44.65 -2.77
C MET B 15 13.92 -45.26 -3.66
N VAL B 16 14.38 -44.49 -4.63
CA VAL B 16 15.40 -44.97 -5.54
C VAL B 16 16.74 -44.52 -5.02
N ARG B 17 17.82 -45.12 -5.53
CA ARG B 17 19.14 -44.71 -5.08
C ARG B 17 19.49 -43.44 -5.82
N TRP B 18 20.30 -42.58 -5.18
CA TRP B 18 20.71 -41.30 -5.74
C TRP B 18 21.11 -41.37 -7.22
N GLU B 19 22.07 -42.23 -7.52
CA GLU B 19 22.58 -42.39 -8.89
C GLU B 19 21.54 -42.80 -9.93
N ASP B 20 20.41 -43.34 -9.50
CA ASP B 20 19.35 -43.75 -10.43
C ASP B 20 18.27 -42.69 -10.64
N ALA B 21 18.31 -41.60 -9.89
CA ALA B 21 17.30 -40.55 -10.00
C ALA B 21 17.58 -39.66 -11.20
N LYS B 22 17.27 -40.17 -12.38
CA LYS B 22 17.48 -39.45 -13.63
C LYS B 22 16.19 -39.34 -14.44
N VAL B 23 16.16 -38.36 -15.34
CA VAL B 23 15.03 -38.14 -16.23
C VAL B 23 15.60 -37.82 -17.60
N HIS B 24 14.78 -37.89 -18.63
CA HIS B 24 15.25 -37.63 -19.98
C HIS B 24 15.66 -36.18 -20.20
N VAL B 25 16.63 -35.96 -21.09
CA VAL B 25 17.10 -34.61 -21.39
C VAL B 25 16.03 -33.80 -22.12
N MET B 26 14.99 -34.48 -22.60
CA MET B 26 13.92 -33.80 -23.30
C MET B 26 12.75 -33.54 -22.35
N SER B 27 13.04 -33.61 -21.05
CA SER B 27 12.05 -33.34 -20.02
C SER B 27 11.66 -31.87 -20.15
N HIS B 28 10.36 -31.60 -20.19
CA HIS B 28 9.81 -30.25 -20.33
C HIS B 28 10.52 -29.18 -19.47
N ALA B 29 10.55 -29.40 -18.16
CA ALA B 29 11.15 -28.44 -17.24
C ALA B 29 12.58 -28.03 -17.59
N LEU B 30 13.32 -28.91 -18.27
CA LEU B 30 14.70 -28.60 -18.63
C LEU B 30 14.78 -27.55 -19.73
N HIS B 31 13.71 -27.45 -20.52
CA HIS B 31 13.63 -26.50 -21.65
C HIS B 31 12.74 -25.29 -21.42
N TYR B 32 11.77 -25.43 -20.53
CA TYR B 32 10.82 -24.34 -20.31
C TYR B 32 10.64 -23.86 -18.88
N GLY B 33 11.52 -24.30 -17.99
CA GLY B 33 11.48 -23.90 -16.58
C GLY B 33 10.20 -24.28 -15.86
N THR B 34 9.51 -25.28 -16.40
CA THR B 34 8.24 -25.73 -15.83
C THR B 34 8.32 -26.71 -14.67
N SER B 35 8.63 -26.15 -13.50
CA SER B 35 8.73 -26.92 -12.28
C SER B 35 8.40 -26.00 -11.12
N VAL B 36 8.05 -26.59 -9.98
CA VAL B 36 7.77 -25.83 -8.77
C VAL B 36 8.54 -26.62 -7.73
N PHE B 37 9.12 -25.94 -6.76
CA PHE B 37 9.88 -26.65 -5.76
C PHE B 37 9.80 -26.00 -4.39
N GLU B 38 10.50 -26.59 -3.43
CA GLU B 38 10.52 -26.05 -2.09
C GLU B 38 11.87 -26.23 -1.45
N GLY B 39 12.03 -25.57 -0.31
CA GLY B 39 13.25 -25.68 0.46
C GLY B 39 12.76 -25.91 1.87
N ILE B 40 13.22 -26.99 2.50
CA ILE B 40 12.81 -27.30 3.86
C ILE B 40 14.01 -27.74 4.70
N ARG B 41 13.98 -27.41 5.98
CA ARG B 41 15.07 -27.79 6.86
C ARG B 41 14.62 -28.74 7.96
N CYS B 42 15.48 -29.71 8.24
CA CYS B 42 15.23 -30.65 9.31
C CYS B 42 16.29 -30.27 10.34
N TYR B 43 15.86 -30.00 11.57
CA TYR B 43 16.81 -29.61 12.60
C TYR B 43 16.95 -30.68 13.66
N ASP B 44 18.15 -30.76 14.23
CA ASP B 44 18.31 -31.69 15.31
C ASP B 44 17.85 -30.82 16.47
N SER B 45 17.00 -31.35 17.33
CA SER B 45 16.50 -30.57 18.45
C SER B 45 16.47 -31.33 19.76
N HIS B 46 15.95 -30.67 20.79
CA HIS B 46 15.82 -31.25 22.12
C HIS B 46 14.83 -32.41 22.06
N LYS B 47 14.22 -32.58 20.89
CA LYS B 47 13.23 -33.63 20.65
C LYS B 47 13.64 -34.47 19.46
N GLY B 48 14.93 -34.48 19.15
CA GLY B 48 15.40 -35.25 18.00
C GLY B 48 15.17 -34.50 16.71
N PRO B 49 15.26 -35.18 15.55
CA PRO B 49 15.05 -34.54 14.25
C PRO B 49 13.63 -34.02 14.00
N VAL B 50 13.54 -32.74 13.67
CA VAL B 50 12.26 -32.09 13.42
C VAL B 50 12.27 -31.30 12.10
N VAL B 51 11.22 -31.45 11.30
CA VAL B 51 11.10 -30.73 10.03
C VAL B 51 10.35 -29.43 10.34
N PHE B 52 10.97 -28.30 10.03
CA PHE B 52 10.37 -27.01 10.30
C PHE B 52 9.25 -26.60 9.36
N ARG B 53 8.08 -26.36 9.94
CA ARG B 53 6.89 -25.96 9.21
C ARG B 53 6.76 -26.84 7.98
N HIS B 54 6.79 -28.13 8.23
CA HIS B 54 6.71 -29.15 7.20
C HIS B 54 5.46 -29.03 6.33
N ARG B 55 4.28 -29.07 6.95
CA ARG B 55 3.03 -28.99 6.20
C ARG B 55 2.88 -27.70 5.39
N GLU B 56 3.30 -26.59 5.98
CA GLU B 56 3.23 -25.28 5.33
C GLU B 56 3.99 -25.30 4.01
N HIS B 57 5.18 -25.90 4.03
CA HIS B 57 5.97 -25.98 2.82
C HIS B 57 5.32 -26.84 1.75
N MET B 58 4.81 -28.01 2.14
CA MET B 58 4.16 -28.88 1.16
C MET B 58 2.90 -28.25 0.63
N GLN B 59 2.27 -27.41 1.43
CA GLN B 59 1.06 -26.73 1.00
C GLN B 59 1.43 -25.69 -0.05
N ARG B 60 2.52 -24.97 0.19
CA ARG B 60 2.95 -23.96 -0.78
C ARG B 60 3.37 -24.66 -2.07
N LEU B 61 3.97 -25.83 -1.94
CA LEU B 61 4.39 -26.62 -3.10
C LEU B 61 3.16 -26.90 -3.94
N HIS B 62 2.07 -27.27 -3.26
CA HIS B 62 0.81 -27.55 -3.92
C HIS B 62 0.24 -26.29 -4.55
N ASP B 63 0.28 -25.18 -3.79
CA ASP B 63 -0.23 -23.90 -4.26
C ASP B 63 0.50 -23.47 -5.53
N SER B 64 1.82 -23.66 -5.55
CA SER B 64 2.62 -23.28 -6.70
C SER B 64 2.18 -24.06 -7.93
N ALA B 65 2.06 -25.38 -7.78
CA ALA B 65 1.64 -26.23 -8.87
C ALA B 65 0.26 -25.82 -9.38
N LYS B 66 -0.65 -25.53 -8.45
CA LYS B 66 -2.02 -25.14 -8.79
C LYS B 66 -2.09 -23.91 -9.68
N ILE B 67 -1.25 -22.92 -9.40
CA ILE B 67 -1.25 -21.70 -10.19
C ILE B 67 -0.90 -22.00 -11.64
N TYR B 68 0.02 -22.93 -11.86
CA TYR B 68 0.43 -23.29 -13.21
C TYR B 68 -0.37 -24.47 -13.76
N ARG B 69 -1.26 -25.00 -12.94
CA ARG B 69 -2.12 -26.12 -13.31
C ARG B 69 -1.33 -27.39 -13.57
N PHE B 70 -0.24 -27.55 -12.84
CA PHE B 70 0.57 -28.76 -12.96
C PHE B 70 -0.20 -29.78 -12.13
N PRO B 71 -0.52 -30.94 -12.73
CA PRO B 71 -1.26 -31.97 -11.98
C PRO B 71 -0.40 -32.66 -10.92
N VAL B 72 -0.92 -32.73 -9.70
CA VAL B 72 -0.19 -33.37 -8.61
C VAL B 72 -0.99 -34.56 -8.09
N SER B 73 -0.41 -35.74 -8.23
CA SER B 73 -1.09 -36.96 -7.82
C SER B 73 -0.95 -37.29 -6.34
N GLN B 74 0.00 -36.64 -5.66
CA GLN B 74 0.22 -36.91 -4.24
C GLN B 74 -0.48 -35.89 -3.36
N SER B 75 -0.94 -36.34 -2.19
CA SER B 75 -1.62 -35.46 -1.26
C SER B 75 -0.55 -34.85 -0.37
N ILE B 76 -0.91 -33.82 0.39
CA ILE B 76 0.06 -33.18 1.27
C ILE B 76 0.65 -34.17 2.28
N ASP B 77 -0.18 -35.06 2.84
CA ASP B 77 0.33 -36.03 3.80
C ASP B 77 1.23 -37.10 3.20
N GLU B 78 1.02 -37.45 1.93
CA GLU B 78 1.87 -38.44 1.28
C GLU B 78 3.23 -37.82 1.04
N LEU B 79 3.24 -36.54 0.67
CA LEU B 79 4.49 -35.85 0.43
C LEU B 79 5.22 -35.76 1.76
N MET B 80 4.49 -35.41 2.81
CA MET B 80 5.10 -35.29 4.14
C MET B 80 5.69 -36.64 4.57
N GLU B 81 4.96 -37.72 4.33
CA GLU B 81 5.48 -39.03 4.72
C GLU B 81 6.72 -39.39 3.90
N ALA B 82 6.73 -39.02 2.62
CA ALA B 82 7.86 -39.31 1.74
C ALA B 82 9.07 -38.52 2.21
N CYS B 83 8.83 -37.27 2.56
CA CYS B 83 9.89 -36.39 3.05
C CYS B 83 10.50 -36.99 4.32
N ARG B 84 9.64 -37.33 5.27
CA ARG B 84 10.12 -37.92 6.51
C ARG B 84 10.94 -39.16 6.16
N ASP B 85 10.43 -39.97 5.23
CA ASP B 85 11.12 -41.18 4.80
C ASP B 85 12.52 -40.94 4.23
N VAL B 86 12.65 -39.95 3.35
CA VAL B 86 13.96 -39.66 2.75
C VAL B 86 14.98 -39.27 3.80
N ILE B 87 14.54 -38.55 4.83
CA ILE B 87 15.43 -38.12 5.89
C ILE B 87 15.94 -39.33 6.67
N ARG B 88 15.01 -40.20 7.08
CA ARG B 88 15.35 -41.41 7.83
C ARG B 88 16.22 -42.34 7.01
N LYS B 89 15.70 -42.70 5.84
CA LYS B 89 16.40 -43.63 4.95
C LYS B 89 17.85 -43.25 4.75
N ASN B 90 18.11 -41.93 4.77
CA ASN B 90 19.46 -41.42 4.58
C ASN B 90 20.19 -41.17 5.90
N ASN B 91 19.55 -41.54 7.00
CA ASN B 91 20.11 -41.37 8.34
C ASN B 91 20.65 -39.97 8.61
N LEU B 92 19.77 -38.99 8.48
CA LEU B 92 20.13 -37.60 8.74
C LEU B 92 19.29 -37.10 9.90
N THR B 93 19.88 -36.26 10.75
CA THR B 93 19.14 -35.69 11.87
C THR B 93 19.00 -34.18 11.66
N SER B 94 19.81 -33.66 10.74
CA SER B 94 19.76 -32.25 10.36
C SER B 94 20.05 -32.27 8.86
N ALA B 95 19.27 -31.55 8.08
CA ALA B 95 19.46 -31.54 6.64
C ALA B 95 18.57 -30.53 5.93
N TYR B 96 18.79 -30.40 4.63
CA TYR B 96 18.02 -29.52 3.78
C TYR B 96 17.25 -30.45 2.84
N ILE B 97 15.94 -30.21 2.70
CA ILE B 97 15.10 -31.04 1.85
C ILE B 97 14.60 -30.27 0.64
N ARG B 98 14.70 -30.90 -0.53
CA ARG B 98 14.26 -30.27 -1.76
C ARG B 98 13.22 -31.05 -2.55
N PRO B 99 11.92 -30.74 -2.34
CA PRO B 99 10.83 -31.40 -3.07
C PRO B 99 10.74 -30.64 -4.40
N LEU B 100 10.54 -31.36 -5.50
CA LEU B 100 10.50 -30.75 -6.82
C LEU B 100 9.45 -31.44 -7.67
N ILE B 101 8.48 -30.68 -8.16
CA ILE B 101 7.43 -31.23 -9.02
C ILE B 101 7.67 -30.63 -10.40
N PHE B 102 7.90 -31.48 -11.39
CA PHE B 102 8.19 -30.97 -12.72
C PHE B 102 7.53 -31.69 -13.89
N VAL B 103 7.29 -30.94 -14.96
CA VAL B 103 6.72 -31.51 -16.17
C VAL B 103 7.91 -32.22 -16.81
N GLY B 104 7.78 -33.53 -16.98
CA GLY B 104 8.86 -34.33 -17.53
C GLY B 104 8.82 -34.55 -19.03
N ASP B 105 9.25 -35.74 -19.43
CA ASP B 105 9.30 -36.12 -20.83
C ASP B 105 7.90 -36.26 -21.41
N VAL B 106 7.32 -35.15 -21.86
CA VAL B 106 5.98 -35.17 -22.42
C VAL B 106 5.93 -34.64 -23.86
N GLY B 107 7.10 -34.40 -24.45
CA GLY B 107 7.16 -33.87 -25.80
C GLY B 107 7.50 -32.40 -25.81
N MET B 108 8.08 -31.92 -26.91
CA MET B 108 8.48 -30.53 -27.08
C MET B 108 7.27 -29.63 -27.27
N GLY B 109 7.47 -28.33 -27.09
CA GLY B 109 6.37 -27.40 -27.23
C GLY B 109 5.96 -26.98 -25.84
N VAL B 110 6.00 -25.67 -25.60
CA VAL B 110 5.68 -25.12 -24.29
C VAL B 110 4.36 -25.59 -23.66
N ASN B 111 3.34 -25.89 -24.46
CA ASN B 111 2.07 -26.37 -23.92
C ASN B 111 2.09 -27.91 -23.80
N PRO B 112 2.07 -28.44 -22.57
CA PRO B 112 2.07 -29.91 -22.42
C PRO B 112 0.78 -30.48 -22.96
N PRO B 113 0.82 -31.72 -23.47
CA PRO B 113 -0.38 -32.37 -24.01
C PRO B 113 -1.40 -32.70 -22.92
N ALA B 114 -2.68 -32.61 -23.26
CA ALA B 114 -3.74 -32.89 -22.31
C ALA B 114 -3.57 -34.25 -21.64
N GLY B 115 -3.85 -34.31 -20.34
CA GLY B 115 -3.75 -35.57 -19.61
C GLY B 115 -2.39 -36.01 -19.11
N TYR B 116 -1.39 -35.16 -19.28
CA TYR B 116 -0.04 -35.50 -18.83
C TYR B 116 0.03 -35.50 -17.30
N SER B 117 1.15 -35.99 -16.77
CA SER B 117 1.36 -36.04 -15.33
C SER B 117 2.74 -35.49 -15.02
N THR B 118 2.94 -35.06 -13.78
CA THR B 118 4.23 -34.51 -13.37
C THR B 118 5.07 -35.56 -12.65
N ASP B 119 6.38 -35.37 -12.71
CA ASP B 119 7.31 -36.25 -12.02
C ASP B 119 7.58 -35.53 -10.71
N VAL B 120 7.70 -36.29 -9.63
CA VAL B 120 7.97 -35.70 -8.32
C VAL B 120 9.21 -36.33 -7.71
N ILE B 121 10.07 -35.47 -7.17
CA ILE B 121 11.32 -35.87 -6.55
C ILE B 121 11.47 -35.20 -5.21
N ILE B 122 12.14 -35.89 -4.27
CA ILE B 122 12.39 -35.33 -2.95
C ILE B 122 13.76 -35.81 -2.46
N ALA B 123 14.71 -34.87 -2.48
CA ALA B 123 16.06 -35.18 -2.04
C ALA B 123 16.33 -34.50 -0.71
N ALA B 124 17.13 -35.16 0.12
CA ALA B 124 17.49 -34.63 1.42
C ALA B 124 18.99 -34.72 1.52
N PHE B 125 19.60 -33.70 2.12
CA PHE B 125 21.05 -33.67 2.25
C PHE B 125 21.46 -32.58 3.23
N PRO B 126 22.66 -32.71 3.81
CA PRO B 126 23.19 -31.73 4.79
C PRO B 126 23.60 -30.45 4.05
N TRP B 127 23.10 -29.30 4.48
CA TRP B 127 23.43 -28.03 3.84
C TRP B 127 23.66 -26.95 4.89
N GLY B 128 24.85 -26.35 4.87
CA GLY B 128 25.19 -25.33 5.85
C GLY B 128 24.59 -23.96 5.62
N ALA B 129 25.10 -22.98 6.37
CA ALA B 129 24.62 -21.60 6.27
C ALA B 129 24.66 -21.17 4.80
N TYR B 130 23.52 -20.70 4.31
CA TYR B 130 23.38 -20.28 2.92
C TYR B 130 24.32 -19.15 2.50
N LEU B 131 24.49 -18.16 3.37
CA LEU B 131 25.34 -17.02 3.05
C LEU B 131 26.73 -17.02 3.66
N GLY B 132 27.18 -18.18 4.14
CA GLY B 132 28.51 -18.25 4.72
C GLY B 132 28.61 -18.78 6.13
N ALA B 133 29.79 -19.30 6.47
CA ALA B 133 30.08 -19.87 7.78
C ALA B 133 29.97 -18.85 8.92
N GLU B 134 30.08 -17.57 8.60
CA GLU B 134 30.00 -16.55 9.63
C GLU B 134 28.76 -15.69 9.56
N ALA B 135 27.95 -15.92 8.54
CA ALA B 135 26.71 -15.17 8.29
C ALA B 135 25.82 -14.92 9.52
N LEU B 136 25.22 -15.98 10.05
CA LEU B 136 24.31 -15.88 11.17
C LEU B 136 24.82 -15.07 12.36
N GLU B 137 26.12 -15.15 12.63
CA GLU B 137 26.69 -14.44 13.77
C GLU B 137 27.07 -12.99 13.48
N GLN B 138 27.98 -12.80 12.54
CA GLN B 138 28.50 -11.49 12.18
C GLN B 138 27.69 -10.64 11.22
N GLY B 139 26.79 -11.27 10.46
CA GLY B 139 26.00 -10.52 9.50
C GLY B 139 26.76 -10.45 8.18
N ILE B 140 26.07 -10.09 7.11
CA ILE B 140 26.72 -10.03 5.80
C ILE B 140 26.60 -8.66 5.13
N ASP B 141 27.39 -8.45 4.08
CA ASP B 141 27.35 -7.20 3.35
C ASP B 141 26.44 -7.40 2.13
N ALA B 142 25.39 -6.60 2.04
CA ALA B 142 24.43 -6.70 0.94
C ALA B 142 24.59 -5.58 -0.07
N MET B 143 24.10 -5.81 -1.28
CA MET B 143 24.16 -4.84 -2.37
C MET B 143 22.79 -4.77 -3.05
N VAL B 144 22.34 -3.58 -3.41
CA VAL B 144 21.07 -3.46 -4.12
C VAL B 144 21.43 -3.73 -5.58
N SER B 145 20.74 -4.70 -6.19
CA SER B 145 21.00 -5.10 -7.56
C SER B 145 20.51 -4.13 -8.63
N SER B 146 21.10 -4.25 -9.82
CA SER B 146 20.70 -3.43 -10.97
C SER B 146 19.62 -4.15 -11.78
N TRP B 147 19.23 -5.34 -11.32
CA TRP B 147 18.19 -6.14 -11.97
C TRP B 147 16.94 -6.11 -11.09
N ASN B 148 15.78 -5.93 -11.69
CA ASN B 148 14.52 -5.87 -10.95
C ASN B 148 13.76 -7.18 -10.90
N ARG B 149 12.93 -7.32 -9.87
CA ARG B 149 12.10 -8.50 -9.69
C ARG B 149 10.93 -8.50 -10.66
N ALA B 150 10.46 -9.69 -10.99
CA ALA B 150 9.34 -9.87 -11.92
C ALA B 150 8.17 -8.98 -11.56
N ALA B 151 7.58 -8.35 -12.57
CA ALA B 151 6.44 -7.46 -12.38
C ALA B 151 5.18 -8.28 -12.11
N PRO B 152 4.19 -7.66 -11.44
CA PRO B 152 2.94 -8.35 -11.14
C PRO B 152 2.24 -8.78 -12.44
N ASN B 153 1.60 -9.94 -12.40
CA ASN B 153 0.86 -10.47 -13.54
C ASN B 153 1.70 -10.85 -14.76
N THR B 154 2.96 -11.20 -14.54
CA THR B 154 3.80 -11.63 -15.66
C THR B 154 4.07 -13.10 -15.35
N ILE B 155 4.85 -13.32 -14.30
CA ILE B 155 5.18 -14.66 -13.82
C ILE B 155 4.89 -14.53 -12.32
N PRO B 156 3.80 -15.16 -11.84
CA PRO B 156 3.38 -15.10 -10.44
C PRO B 156 4.49 -15.35 -9.42
N THR B 157 4.91 -14.29 -8.73
CA THR B 157 5.97 -14.43 -7.74
C THR B 157 5.50 -15.03 -6.44
N ALA B 158 4.20 -15.33 -6.34
CA ALA B 158 3.65 -15.94 -5.15
C ALA B 158 4.04 -17.41 -5.16
N ALA B 159 4.37 -17.91 -6.36
CA ALA B 159 4.76 -19.31 -6.53
C ALA B 159 6.27 -19.49 -6.60
N LYS B 160 6.75 -20.58 -6.02
CA LYS B 160 8.17 -20.90 -6.04
C LYS B 160 8.37 -21.86 -7.22
N ALA B 161 8.61 -21.30 -8.40
CA ALA B 161 8.78 -22.08 -9.61
C ALA B 161 10.18 -21.94 -10.20
N GLY B 162 10.65 -23.01 -10.84
CA GLY B 162 11.99 -23.00 -11.42
C GLY B 162 12.35 -21.80 -12.28
N GLY B 163 11.51 -21.50 -13.25
CA GLY B 163 11.77 -20.38 -14.15
C GLY B 163 11.97 -19.05 -13.48
N ASN B 164 11.39 -18.89 -12.30
CA ASN B 164 11.50 -17.65 -11.54
C ASN B 164 12.96 -17.33 -11.27
N TYR B 165 13.76 -18.36 -11.06
CA TYR B 165 15.13 -18.15 -10.68
C TYR B 165 16.18 -17.61 -11.63
N LEU B 166 15.81 -17.40 -12.90
CA LEU B 166 16.79 -16.80 -13.80
C LEU B 166 17.05 -15.41 -13.19
N SER B 167 15.98 -14.79 -12.70
CA SER B 167 16.09 -13.46 -12.08
C SER B 167 16.97 -13.50 -10.83
N SER B 168 16.74 -14.51 -9.99
CA SER B 168 17.52 -14.66 -8.78
C SER B 168 18.98 -14.90 -9.11
N LEU B 169 19.25 -15.52 -10.26
CA LEU B 169 20.63 -15.77 -10.66
C LEU B 169 21.29 -14.43 -10.98
N LEU B 170 20.60 -13.61 -11.76
CA LEU B 170 21.14 -12.30 -12.13
C LEU B 170 21.36 -11.42 -10.91
N VAL B 171 20.39 -11.36 -10.02
CA VAL B 171 20.49 -10.55 -8.81
C VAL B 171 21.62 -11.03 -7.90
N GLY B 172 21.60 -12.32 -7.60
CA GLY B 172 22.61 -12.88 -6.72
C GLY B 172 24.02 -12.94 -7.26
N SER B 173 24.19 -13.23 -8.55
CA SER B 173 25.52 -13.31 -9.12
C SER B 173 26.17 -11.93 -9.22
N GLU B 174 25.36 -10.90 -9.43
CA GLU B 174 25.88 -9.54 -9.53
C GLU B 174 26.50 -9.09 -8.20
N ALA B 175 25.79 -9.34 -7.11
CA ALA B 175 26.29 -8.97 -5.79
C ALA B 175 27.59 -9.71 -5.50
N ARG B 176 27.60 -11.00 -5.84
CA ARG B 176 28.76 -11.83 -5.59
C ARG B 176 29.98 -11.42 -6.42
N ARG B 177 29.75 -11.01 -7.67
CA ARG B 177 30.85 -10.58 -8.53
C ARG B 177 31.44 -9.26 -8.05
N HIS B 178 30.66 -8.49 -7.33
CA HIS B 178 31.11 -7.20 -6.82
C HIS B 178 31.64 -7.27 -5.38
N GLY B 179 31.75 -8.48 -4.86
CA GLY B 179 32.30 -8.67 -3.53
C GLY B 179 31.35 -8.64 -2.36
N TYR B 180 30.05 -8.75 -2.63
CA TYR B 180 29.07 -8.75 -1.56
C TYR B 180 28.65 -10.20 -1.34
N GLN B 181 27.89 -10.47 -0.29
CA GLN B 181 27.45 -11.84 -0.04
C GLN B 181 26.06 -12.12 -0.58
N GLU B 182 25.26 -11.08 -0.75
CA GLU B 182 23.92 -11.26 -1.30
C GLU B 182 23.37 -9.98 -1.91
N GLY B 183 22.49 -10.14 -2.89
CA GLY B 183 21.89 -9.00 -3.53
C GLY B 183 20.44 -8.84 -3.13
N ILE B 184 20.03 -7.59 -2.99
CA ILE B 184 18.66 -7.24 -2.64
C ILE B 184 18.10 -6.62 -3.90
N ALA B 185 16.91 -7.06 -4.31
CA ALA B 185 16.30 -6.55 -5.53
C ALA B 185 15.11 -5.63 -5.28
N LEU B 186 14.93 -4.67 -6.18
CA LEU B 186 13.81 -3.74 -6.12
C LEU B 186 12.80 -4.26 -7.13
N ASP B 187 11.52 -3.98 -6.92
CA ASP B 187 10.50 -4.42 -7.87
C ASP B 187 10.51 -3.44 -9.04
N VAL B 188 9.60 -3.61 -9.99
CA VAL B 188 9.57 -2.72 -11.15
C VAL B 188 9.15 -1.30 -10.81
N ASN B 189 8.77 -1.07 -9.56
CA ASN B 189 8.34 0.25 -9.12
C ASN B 189 9.47 1.04 -8.46
N GLY B 190 10.55 0.34 -8.10
CA GLY B 190 11.67 1.00 -7.45
C GLY B 190 11.67 0.83 -5.93
N TYR B 191 10.79 -0.04 -5.43
CA TYR B 191 10.68 -0.31 -4.00
C TYR B 191 11.40 -1.62 -3.67
N ILE B 192 11.71 -1.82 -2.39
CA ILE B 192 12.39 -3.04 -1.98
C ILE B 192 11.47 -4.25 -2.17
N SER B 193 12.01 -5.33 -2.73
CA SER B 193 11.22 -6.54 -2.93
C SER B 193 11.69 -7.63 -1.98
N GLU B 194 12.84 -8.22 -2.29
CA GLU B 194 13.41 -9.30 -1.49
C GLU B 194 14.83 -9.59 -1.94
N GLY B 195 15.54 -10.43 -1.18
CA GLY B 195 16.88 -10.82 -1.55
C GLY B 195 16.73 -11.84 -2.66
N ALA B 196 17.83 -12.23 -3.28
CA ALA B 196 17.78 -13.22 -4.37
C ALA B 196 17.17 -14.54 -3.92
N GLY B 197 17.35 -14.88 -2.64
CA GLY B 197 16.81 -16.13 -2.13
C GLY B 197 16.37 -15.99 -0.68
N GLU B 198 15.99 -14.78 -0.30
CA GLU B 198 15.58 -14.48 1.07
C GLU B 198 14.59 -13.32 1.09
N ASN B 199 13.86 -13.15 2.19
CA ASN B 199 12.94 -12.03 2.31
C ASN B 199 13.72 -10.96 3.07
N LEU B 200 13.30 -9.71 2.95
CA LEU B 200 13.99 -8.59 3.58
C LEU B 200 13.22 -7.95 4.72
N PHE B 201 13.89 -7.79 5.87
CA PHE B 201 13.29 -7.17 7.04
C PHE B 201 14.13 -5.96 7.49
N GLU B 202 13.47 -4.93 8.00
CA GLU B 202 14.14 -3.75 8.52
C GLU B 202 13.60 -3.49 9.93
N VAL B 203 14.42 -2.89 10.78
CA VAL B 203 14.00 -2.55 12.13
C VAL B 203 14.25 -1.05 12.28
N LYS B 204 13.23 -0.31 12.67
CA LYS B 204 13.36 1.13 12.84
C LYS B 204 12.59 1.58 14.07
N ASP B 205 13.29 2.19 15.01
CA ASP B 205 12.68 2.66 16.24
C ASP B 205 11.85 1.56 16.93
N GLY B 206 12.42 0.36 16.99
CA GLY B 206 11.76 -0.76 17.65
C GLY B 206 10.66 -1.48 16.90
N VAL B 207 10.31 -0.98 15.71
CA VAL B 207 9.26 -1.60 14.91
C VAL B 207 9.90 -2.43 13.77
N LEU B 208 9.33 -3.59 13.51
CA LEU B 208 9.82 -4.49 12.46
C LEU B 208 9.04 -4.23 11.16
N PHE B 209 9.77 -4.09 10.06
CA PHE B 209 9.18 -3.83 8.75
C PHE B 209 9.60 -4.86 7.70
N THR B 210 8.71 -5.12 6.75
CA THR B 210 8.99 -6.03 5.64
C THR B 210 7.98 -5.76 4.52
N PRO B 211 8.42 -5.85 3.25
CA PRO B 211 7.52 -5.59 2.12
C PRO B 211 6.41 -6.64 2.00
N PRO B 212 5.26 -6.25 1.42
CA PRO B 212 4.13 -7.17 1.24
C PRO B 212 4.39 -8.03 0.00
N PHE B 213 3.57 -9.06 -0.22
CA PHE B 213 3.78 -9.93 -1.38
C PHE B 213 3.64 -9.15 -2.67
N THR B 214 2.81 -8.12 -2.64
CA THR B 214 2.58 -7.28 -3.79
C THR B 214 3.80 -6.45 -4.21
N SER B 215 4.89 -6.60 -3.47
CA SER B 215 6.12 -5.91 -3.82
C SER B 215 7.00 -6.96 -4.50
N SER B 216 6.34 -7.93 -5.13
CA SER B 216 7.03 -9.00 -5.85
C SER B 216 7.93 -9.84 -4.97
N ALA B 217 7.53 -10.02 -3.72
CA ALA B 217 8.30 -10.82 -2.78
C ALA B 217 7.61 -12.16 -2.55
N LEU B 218 8.39 -13.23 -2.40
CA LEU B 218 7.83 -14.54 -2.16
C LEU B 218 7.22 -14.57 -0.75
N PRO B 219 6.07 -15.24 -0.58
CA PRO B 219 5.42 -15.33 0.74
C PRO B 219 6.23 -16.30 1.60
N GLY B 220 7.44 -15.87 1.99
CA GLY B 220 8.31 -16.71 2.77
C GLY B 220 7.72 -17.32 4.03
N ILE B 221 8.07 -18.57 4.28
CA ILE B 221 7.58 -19.28 5.44
C ILE B 221 8.42 -18.90 6.67
N THR B 222 9.67 -18.50 6.44
CA THR B 222 10.51 -18.07 7.55
C THR B 222 10.00 -16.67 7.90
N ARG B 223 9.71 -15.89 6.86
CA ARG B 223 9.18 -14.54 7.01
C ARG B 223 7.90 -14.55 7.85
N ASP B 224 6.98 -15.44 7.51
CA ASP B 224 5.71 -15.54 8.24
C ASP B 224 5.98 -15.94 9.70
N ALA B 225 6.87 -16.90 9.90
CA ALA B 225 7.20 -17.35 11.25
C ALA B 225 7.77 -16.21 12.08
N ILE B 226 8.62 -15.40 11.46
CA ILE B 226 9.25 -14.28 12.15
C ILE B 226 8.23 -13.22 12.56
N ILE B 227 7.26 -12.99 11.70
CA ILE B 227 6.22 -12.01 12.01
C ILE B 227 5.47 -12.49 13.26
N LYS B 228 5.18 -13.79 13.29
CA LYS B 228 4.46 -14.39 14.43
C LYS B 228 5.31 -14.40 15.70
N LEU B 229 6.58 -14.74 15.58
CA LEU B 229 7.46 -14.74 16.75
C LEU B 229 7.58 -13.32 17.29
N ALA B 230 7.67 -12.36 16.36
CA ALA B 230 7.79 -10.95 16.72
C ALA B 230 6.62 -10.46 17.54
N LYS B 231 5.41 -10.76 17.08
CA LYS B 231 4.23 -10.35 17.80
C LYS B 231 4.20 -11.00 19.18
N GLU B 232 4.65 -12.26 19.27
CA GLU B 232 4.68 -12.95 20.56
C GLU B 232 5.61 -12.19 21.51
N LEU B 233 6.69 -11.65 20.97
CA LEU B 233 7.66 -10.90 21.77
C LEU B 233 7.21 -9.48 22.05
N GLY B 234 6.03 -9.10 21.56
CA GLY B 234 5.54 -7.76 21.78
C GLY B 234 6.14 -6.73 20.85
N ILE B 235 6.75 -7.20 19.76
CA ILE B 235 7.36 -6.32 18.78
C ILE B 235 6.33 -5.99 17.71
N GLU B 236 6.14 -4.70 17.45
CA GLU B 236 5.18 -4.29 16.42
C GLU B 236 5.73 -4.63 15.05
N VAL B 237 4.84 -5.08 14.17
CA VAL B 237 5.21 -5.46 12.81
C VAL B 237 4.40 -4.69 11.77
N ARG B 238 5.09 -4.20 10.74
CA ARG B 238 4.40 -3.48 9.67
C ARG B 238 4.78 -4.04 8.31
N GLU B 239 3.79 -4.65 7.65
CA GLU B 239 4.00 -5.18 6.31
C GLU B 239 3.59 -4.01 5.42
N GLN B 240 4.57 -3.41 4.77
CA GLN B 240 4.32 -2.25 3.94
C GLN B 240 5.43 -2.04 2.92
N VAL B 241 5.12 -1.26 1.88
CA VAL B 241 6.10 -0.97 0.86
C VAL B 241 7.23 -0.19 1.52
N LEU B 242 8.46 -0.43 1.06
CA LEU B 242 9.64 0.24 1.62
C LEU B 242 10.50 0.82 0.50
N SER B 243 10.99 2.04 0.74
CA SER B 243 11.82 2.74 -0.23
C SER B 243 13.21 2.13 -0.28
N ARG B 244 13.90 2.33 -1.40
CA ARG B 244 15.24 1.80 -1.53
C ARG B 244 16.13 2.40 -0.44
N GLU B 245 16.06 3.71 -0.24
CA GLU B 245 16.90 4.37 0.75
C GLU B 245 16.61 4.00 2.20
N SER B 246 15.44 3.43 2.47
CA SER B 246 15.12 3.02 3.84
C SER B 246 16.16 2.05 4.36
N LEU B 247 16.87 1.38 3.44
CA LEU B 247 17.90 0.42 3.83
C LEU B 247 19.08 1.10 4.52
N TYR B 248 19.33 2.37 4.17
CA TYR B 248 20.44 3.11 4.75
C TYR B 248 20.04 3.78 6.07
N LEU B 249 18.74 3.95 6.29
CA LEU B 249 18.27 4.62 7.48
C LEU B 249 17.74 3.69 8.57
N ALA B 250 17.56 2.42 8.23
CA ALA B 250 17.06 1.47 9.21
C ALA B 250 18.07 1.26 10.33
N ASP B 251 17.58 1.01 11.54
CA ASP B 251 18.47 0.76 12.68
C ASP B 251 19.09 -0.62 12.51
N GLU B 252 18.29 -1.55 11.98
CA GLU B 252 18.75 -2.91 11.76
C GLU B 252 18.18 -3.42 10.43
N VAL B 253 18.88 -4.38 9.83
CA VAL B 253 18.45 -4.99 8.58
C VAL B 253 18.82 -6.48 8.62
N PHE B 254 17.91 -7.34 8.18
CA PHE B 254 18.21 -8.76 8.13
C PHE B 254 17.40 -9.50 7.07
N MET B 255 17.91 -10.66 6.65
CA MET B 255 17.27 -11.48 5.64
C MET B 255 16.74 -12.77 6.28
N SER B 256 15.66 -13.30 5.73
CA SER B 256 15.06 -14.53 6.24
C SER B 256 14.85 -15.53 5.11
N GLY B 257 14.93 -16.81 5.45
CA GLY B 257 14.74 -17.85 4.45
C GLY B 257 15.02 -19.21 5.05
N THR B 258 14.61 -20.26 4.37
CA THR B 258 14.84 -21.60 4.88
C THR B 258 16.34 -21.88 4.93
N ALA B 259 17.02 -21.65 3.80
CA ALA B 259 18.46 -21.86 3.73
C ALA B 259 19.25 -20.84 4.54
N ALA B 260 18.87 -19.57 4.44
CA ALA B 260 19.56 -18.50 5.16
C ALA B 260 19.09 -18.27 6.58
N GLU B 261 18.01 -18.96 6.98
CA GLU B 261 17.46 -18.83 8.32
C GLU B 261 17.29 -17.33 8.65
N ILE B 262 17.98 -16.83 9.66
CA ILE B 262 17.88 -15.41 9.98
C ILE B 262 19.30 -14.84 9.96
N THR B 263 19.64 -14.15 8.87
CA THR B 263 20.97 -13.58 8.71
C THR B 263 21.01 -12.06 8.77
N PRO B 264 21.76 -11.50 9.74
CA PRO B 264 21.83 -10.05 9.86
C PRO B 264 22.55 -9.45 8.67
N VAL B 265 22.18 -8.22 8.31
CA VAL B 265 22.82 -7.51 7.20
C VAL B 265 23.51 -6.33 7.87
N ARG B 266 24.85 -6.36 7.91
CA ARG B 266 25.64 -5.32 8.57
C ARG B 266 25.96 -4.10 7.71
N SER B 267 25.70 -4.20 6.42
CA SER B 267 25.95 -3.07 5.52
C SER B 267 25.22 -3.28 4.20
N VAL B 268 24.77 -2.17 3.62
CA VAL B 268 24.08 -2.21 2.33
C VAL B 268 24.80 -1.22 1.44
N ASP B 269 25.25 -1.70 0.29
CA ASP B 269 25.98 -0.87 -0.67
C ASP B 269 27.18 -0.18 -0.01
N GLY B 270 27.79 -0.86 0.95
CA GLY B 270 28.95 -0.29 1.61
C GLY B 270 28.62 0.67 2.73
N ILE B 271 27.34 0.98 2.93
CA ILE B 271 26.94 1.87 4.01
C ILE B 271 26.63 1.00 5.23
N GLN B 272 27.33 1.24 6.33
CA GLN B 272 27.14 0.47 7.55
C GLN B 272 25.75 0.62 8.16
N VAL B 273 25.18 -0.51 8.56
CA VAL B 273 23.86 -0.51 9.18
C VAL B 273 24.07 -0.50 10.69
N GLY B 274 23.55 0.52 11.36
CA GLY B 274 23.72 0.60 12.80
C GLY B 274 25.19 0.54 13.17
N GLU B 275 25.50 -0.31 14.13
CA GLU B 275 26.85 -0.50 14.63
C GLU B 275 27.69 -1.47 13.81
N GLY B 276 27.13 -1.98 12.72
CA GLY B 276 27.87 -2.91 11.87
C GLY B 276 27.89 -4.34 12.37
N ARG B 277 27.00 -4.65 13.30
CA ARG B 277 26.90 -6.00 13.87
C ARG B 277 25.44 -6.33 14.02
N CYS B 278 25.13 -7.51 14.55
CA CYS B 278 23.74 -7.89 14.75
C CYS B 278 23.12 -6.85 15.67
N GLY B 279 21.93 -6.36 15.29
CA GLY B 279 21.23 -5.37 16.09
C GLY B 279 20.46 -6.06 17.21
N PRO B 280 20.01 -5.32 18.23
CA PRO B 280 19.27 -5.92 19.35
C PRO B 280 17.96 -6.66 19.04
N VAL B 281 17.17 -6.11 18.12
CA VAL B 281 15.90 -6.74 17.77
C VAL B 281 16.13 -7.99 16.91
N THR B 282 17.10 -7.93 16.01
CA THR B 282 17.42 -9.07 15.17
C THR B 282 17.93 -10.16 16.09
N LYS B 283 18.57 -9.73 17.18
CA LYS B 283 19.13 -10.64 18.17
C LYS B 283 18.02 -11.39 18.89
N ARG B 284 16.99 -10.66 19.33
CA ARG B 284 15.88 -11.27 20.06
C ARG B 284 15.14 -12.26 19.17
N ILE B 285 14.88 -11.85 17.93
CA ILE B 285 14.18 -12.69 16.98
C ILE B 285 14.97 -13.95 16.65
N GLN B 286 16.27 -13.80 16.42
CA GLN B 286 17.12 -14.93 16.10
C GLN B 286 17.15 -15.93 17.26
N GLN B 287 17.21 -15.42 18.49
CA GLN B 287 17.25 -16.30 19.66
C GLN B 287 15.91 -17.01 19.83
N ALA B 288 14.82 -16.28 19.58
CA ALA B 288 13.50 -16.88 19.69
C ALA B 288 13.37 -17.99 18.65
N PHE B 289 13.86 -17.71 17.44
CA PHE B 289 13.82 -18.68 16.35
C PHE B 289 14.55 -19.97 16.72
N PHE B 290 15.85 -19.85 16.98
CA PHE B 290 16.63 -21.03 17.32
C PHE B 290 16.23 -21.62 18.66
N GLY B 291 15.47 -20.87 19.45
CA GLY B 291 15.03 -21.36 20.74
C GLY B 291 14.00 -22.47 20.57
N LEU B 292 13.46 -22.56 19.36
CA LEU B 292 12.47 -23.59 19.07
C LEU B 292 13.09 -24.98 19.11
N PHE B 293 14.33 -25.08 18.68
CA PHE B 293 15.01 -26.36 18.61
C PHE B 293 15.74 -26.77 19.90
N THR B 294 15.49 -26.04 20.99
CA THR B 294 16.09 -26.37 22.26
C THR B 294 14.99 -26.47 23.31
N GLY B 295 13.79 -26.01 22.94
CA GLY B 295 12.66 -26.04 23.85
C GLY B 295 12.47 -24.68 24.51
N GLU B 296 13.53 -23.88 24.52
CA GLU B 296 13.52 -22.53 25.11
C GLU B 296 12.34 -21.73 24.60
N THR B 297 12.04 -21.87 23.31
CA THR B 297 10.92 -21.19 22.71
C THR B 297 9.82 -22.22 22.54
N GLU B 298 8.71 -22.04 23.25
CA GLU B 298 7.60 -22.97 23.17
C GLU B 298 6.97 -22.95 21.78
N ASP B 299 6.91 -24.11 21.14
CA ASP B 299 6.32 -24.23 19.81
C ASP B 299 4.81 -24.09 19.93
N LYS B 300 4.35 -22.85 20.08
CA LYS B 300 2.93 -22.55 20.24
C LYS B 300 2.08 -22.77 18.99
N TRP B 301 2.72 -22.88 17.84
CA TRP B 301 2.00 -23.04 16.58
C TRP B 301 2.06 -24.43 15.97
N GLY B 302 2.92 -25.29 16.51
CA GLY B 302 3.06 -26.62 15.97
C GLY B 302 3.85 -26.59 14.66
N TRP B 303 5.01 -25.95 14.72
CA TRP B 303 5.88 -25.81 13.55
C TRP B 303 6.90 -26.94 13.46
N LEU B 304 6.96 -27.79 14.48
CA LEU B 304 7.93 -28.88 14.47
C LEU B 304 7.29 -30.24 14.20
N ASP B 305 7.62 -30.81 13.05
CA ASP B 305 7.11 -32.12 12.67
C ASP B 305 8.21 -33.14 12.98
N GLN B 306 8.03 -33.90 14.05
CA GLN B 306 9.03 -34.90 14.44
C GLN B 306 9.25 -35.90 13.31
N VAL B 307 10.52 -36.20 13.02
CA VAL B 307 10.83 -37.14 11.97
C VAL B 307 10.63 -38.58 12.45
N ASN B 308 11.15 -38.85 13.64
CA ASN B 308 11.10 -40.16 14.30
C ASN B 308 12.22 -41.04 13.74
N LYS C 5 16.88 38.81 8.53
CA LYS C 5 18.36 38.57 8.45
C LYS C 5 18.91 38.63 9.88
N ALA C 6 20.20 38.34 10.04
CA ALA C 6 20.82 38.37 11.36
C ALA C 6 22.29 38.80 11.32
N ASP C 7 22.91 38.92 12.49
CA ASP C 7 24.30 39.34 12.58
C ASP C 7 25.35 38.29 12.28
N TYR C 8 25.11 37.06 12.73
CA TYR C 8 26.09 36.00 12.52
C TYR C 8 25.54 34.70 11.98
N ILE C 9 26.44 33.96 11.33
CA ILE C 9 26.14 32.66 10.78
C ILE C 9 27.27 31.73 11.20
N TRP C 10 26.91 30.57 11.72
CA TRP C 10 27.89 29.57 12.13
C TRP C 10 28.41 28.97 10.82
N PHE C 11 29.73 28.95 10.67
CA PHE C 11 30.38 28.47 9.44
C PHE C 11 31.59 27.62 9.82
N ASN C 12 31.50 26.32 9.58
CA ASN C 12 32.58 25.39 9.91
C ASN C 12 33.16 25.65 11.29
N GLY C 13 32.27 25.78 12.28
CA GLY C 13 32.68 26.00 13.65
C GLY C 13 32.80 27.45 14.10
N GLU C 14 33.04 28.35 13.17
CA GLU C 14 33.21 29.76 13.50
C GLU C 14 31.95 30.62 13.39
N MET C 15 31.85 31.63 14.26
CA MET C 15 30.72 32.56 14.20
C MET C 15 31.17 33.66 13.26
N VAL C 16 30.70 33.62 12.01
CA VAL C 16 31.08 34.60 11.00
C VAL C 16 30.02 35.68 10.82
N ARG C 17 30.42 36.93 10.60
CA ARG C 17 29.43 37.97 10.39
C ARG C 17 28.64 37.58 9.17
N TRP C 18 27.34 37.86 9.18
CA TRP C 18 26.49 37.49 8.06
C TRP C 18 27.09 37.81 6.70
N GLU C 19 27.46 39.06 6.45
CA GLU C 19 28.00 39.45 5.16
C GLU C 19 29.34 38.80 4.76
N ASP C 20 30.03 38.17 5.70
CA ASP C 20 31.30 37.52 5.40
C ASP C 20 31.14 36.04 5.09
N ALA C 21 29.92 35.52 5.26
CA ALA C 21 29.63 34.12 4.99
C ALA C 21 29.44 33.93 3.50
N LYS C 22 30.56 33.75 2.79
CA LYS C 22 30.56 33.58 1.34
C LYS C 22 31.37 32.37 0.91
N VAL C 23 31.04 31.84 -0.27
CA VAL C 23 31.75 30.71 -0.83
C VAL C 23 32.03 31.00 -2.30
N HIS C 24 33.01 30.29 -2.85
CA HIS C 24 33.37 30.49 -4.25
C HIS C 24 32.22 30.10 -5.17
N VAL C 25 32.12 30.78 -6.31
CA VAL C 25 31.08 30.50 -7.29
C VAL C 25 31.33 29.15 -7.95
N MET C 26 32.52 28.59 -7.74
CA MET C 26 32.82 27.28 -8.29
C MET C 26 32.56 26.19 -7.26
N SER C 27 31.83 26.53 -6.20
CA SER C 27 31.47 25.56 -5.18
C SER C 27 30.56 24.53 -5.84
N HIS C 28 30.89 23.26 -5.62
CA HIS C 28 30.16 22.12 -6.21
C HIS C 28 28.62 22.20 -6.14
N ALA C 29 28.09 22.53 -4.98
CA ALA C 29 26.64 22.60 -4.79
C ALA C 29 25.91 23.64 -5.64
N LEU C 30 26.62 24.66 -6.11
CA LEU C 30 25.98 25.67 -6.95
C LEU C 30 25.77 25.13 -8.36
N HIS C 31 26.55 24.11 -8.72
CA HIS C 31 26.50 23.53 -10.05
C HIS C 31 25.81 22.16 -10.13
N TYR C 32 25.82 21.42 -9.03
CA TYR C 32 25.27 20.06 -9.05
C TYR C 32 24.19 19.72 -8.03
N GLY C 33 23.67 20.72 -7.32
CA GLY C 33 22.62 20.50 -6.33
C GLY C 33 23.04 19.60 -5.17
N THR C 34 24.36 19.49 -5.00
CA THR C 34 24.94 18.64 -3.98
C THR C 34 25.03 19.20 -2.55
N SER C 35 23.88 19.30 -1.91
CA SER C 35 23.81 19.76 -0.54
C SER C 35 22.60 19.12 0.12
N VAL C 36 22.61 19.08 1.44
CA VAL C 36 21.48 18.58 2.19
C VAL C 36 21.22 19.65 3.21
N PHE C 37 19.95 19.88 3.54
CA PHE C 37 19.64 20.92 4.48
C PHE C 37 18.45 20.60 5.37
N GLU C 38 18.18 21.48 6.32
CA GLU C 38 17.06 21.28 7.21
C GLU C 38 16.36 22.60 7.49
N GLY C 39 15.13 22.48 7.99
CA GLY C 39 14.35 23.62 8.37
C GLY C 39 14.03 23.32 9.82
N ILE C 40 14.37 24.25 10.72
CA ILE C 40 14.10 24.04 12.14
C ILE C 40 13.55 25.32 12.71
N ARG C 41 12.59 25.21 13.62
CA ARG C 41 12.05 26.42 14.24
C ARG C 41 12.35 26.49 15.73
N CYS C 42 12.65 27.71 16.16
CA CYS C 42 12.90 28.01 17.56
C CYS C 42 11.69 28.84 17.95
N TYR C 43 11.00 28.42 19.00
CA TYR C 43 9.82 29.12 19.48
C TYR C 43 10.05 29.80 20.81
N ASP C 44 9.35 30.89 21.02
CA ASP C 44 9.42 31.63 22.28
C ASP C 44 8.31 30.98 23.12
N SER C 45 8.67 30.04 23.98
CA SER C 45 7.68 29.33 24.79
C SER C 45 7.61 29.70 26.26
N HIS C 46 6.75 28.97 26.98
CA HIS C 46 6.55 29.13 28.41
C HIS C 46 7.82 28.71 29.13
N LYS C 47 8.68 28.00 28.41
CA LYS C 47 9.96 27.53 28.93
C LYS C 47 11.10 28.38 28.35
N GLY C 48 10.75 29.42 27.62
CA GLY C 48 11.76 30.27 27.01
C GLY C 48 12.05 29.80 25.59
N PRO C 49 13.09 30.33 24.93
CA PRO C 49 13.42 29.91 23.56
C PRO C 49 13.72 28.41 23.49
N VAL C 50 12.95 27.69 22.67
CA VAL C 50 13.17 26.26 22.53
C VAL C 50 13.21 25.83 21.07
N VAL C 51 14.07 24.88 20.75
CA VAL C 51 14.19 24.40 19.38
C VAL C 51 13.31 23.15 19.28
N PHE C 52 12.32 23.20 18.39
CA PHE C 52 11.37 22.11 18.22
C PHE C 52 11.93 20.89 17.51
N ARG C 53 11.90 19.74 18.19
CA ARG C 53 12.40 18.48 17.66
C ARG C 53 13.76 18.68 17.00
N HIS C 54 14.64 19.30 17.77
CA HIS C 54 16.00 19.61 17.34
C HIS C 54 16.80 18.37 16.94
N ARG C 55 16.93 17.42 17.85
CA ARG C 55 17.70 16.22 17.53
C ARG C 55 17.16 15.53 16.30
N GLU C 56 15.84 15.43 16.20
CA GLU C 56 15.22 14.78 15.05
C GLU C 56 15.68 15.44 13.75
N HIS C 57 15.74 16.76 13.75
CA HIS C 57 16.18 17.46 12.54
C HIS C 57 17.65 17.26 12.21
N MET C 58 18.51 17.28 13.20
CA MET C 58 19.92 17.08 12.93
C MET C 58 20.16 15.63 12.51
N GLN C 59 19.37 14.73 13.08
CA GLN C 59 19.46 13.32 12.73
C GLN C 59 19.07 13.14 11.26
N ARG C 60 18.04 13.85 10.83
CA ARG C 60 17.61 13.74 9.43
C ARG C 60 18.66 14.35 8.53
N LEU C 61 19.31 15.43 8.99
CA LEU C 61 20.35 16.08 8.19
C LEU C 61 21.46 15.07 7.95
N HIS C 62 21.84 14.35 9.00
CA HIS C 62 22.87 13.33 8.90
C HIS C 62 22.44 12.20 7.95
N ASP C 63 21.18 11.77 8.09
CA ASP C 63 20.66 10.72 7.23
C ASP C 63 20.71 11.13 5.77
N SER C 64 20.32 12.37 5.47
CA SER C 64 20.34 12.86 4.09
C SER C 64 21.75 12.83 3.53
N ALA C 65 22.73 13.24 4.35
CA ALA C 65 24.12 13.24 3.92
C ALA C 65 24.63 11.83 3.72
N LYS C 66 24.24 10.92 4.61
CA LYS C 66 24.67 9.53 4.53
C LYS C 66 24.27 8.89 3.21
N ILE C 67 23.03 9.14 2.79
CA ILE C 67 22.53 8.59 1.55
C ILE C 67 23.42 8.94 0.36
N TYR C 68 23.90 10.18 0.33
CA TYR C 68 24.78 10.65 -0.75
C TYR C 68 26.26 10.47 -0.43
N ARG C 69 26.54 9.92 0.75
CA ARG C 69 27.92 9.68 1.17
C ARG C 69 28.72 10.97 1.32
N PHE C 70 28.05 12.06 1.70
CA PHE C 70 28.72 13.33 1.93
C PHE C 70 29.40 13.21 3.30
N PRO C 71 30.72 13.41 3.37
CA PRO C 71 31.39 13.29 4.67
C PRO C 71 31.00 14.45 5.59
N VAL C 72 30.59 14.11 6.81
CA VAL C 72 30.19 15.10 7.81
C VAL C 72 31.09 14.93 9.03
N SER C 73 31.89 15.95 9.32
CA SER C 73 32.81 15.88 10.45
C SER C 73 32.17 16.20 11.80
N GLN C 74 31.01 16.85 11.79
CA GLN C 74 30.31 17.21 13.01
C GLN C 74 29.33 16.12 13.45
N SER C 75 29.29 15.85 14.74
CA SER C 75 28.38 14.86 15.29
C SER C 75 27.04 15.54 15.48
N ILE C 76 25.99 14.74 15.70
CA ILE C 76 24.66 15.32 15.92
C ILE C 76 24.69 16.27 17.13
N ASP C 77 25.34 15.85 18.21
CA ASP C 77 25.42 16.69 19.40
C ASP C 77 26.13 18.01 19.09
N GLU C 78 27.24 17.95 18.35
CA GLU C 78 27.99 19.16 18.01
C GLU C 78 27.19 20.08 17.09
N LEU C 79 26.35 19.50 16.25
CA LEU C 79 25.52 20.30 15.37
C LEU C 79 24.45 21.00 16.20
N MET C 80 23.89 20.27 17.16
CA MET C 80 22.87 20.85 18.04
C MET C 80 23.47 22.00 18.86
N GLU C 81 24.68 21.80 19.36
CA GLU C 81 25.34 22.85 20.13
C GLU C 81 25.55 24.09 19.27
N ALA C 82 26.00 23.88 18.04
CA ALA C 82 26.24 25.00 17.13
C ALA C 82 24.93 25.74 16.87
N CYS C 83 23.85 24.99 16.69
CA CYS C 83 22.55 25.59 16.44
C CYS C 83 22.11 26.48 17.61
N ARG C 84 22.20 25.96 18.82
CA ARG C 84 21.83 26.76 20.00
C ARG C 84 22.76 27.96 20.09
N ASP C 85 24.03 27.73 19.81
CA ASP C 85 25.06 28.77 19.84
C ASP C 85 24.71 29.94 18.91
N VAL C 86 24.36 29.64 17.67
CA VAL C 86 24.03 30.67 16.70
C VAL C 86 22.74 31.42 17.02
N ILE C 87 21.80 30.75 17.71
CA ILE C 87 20.55 31.41 18.07
C ILE C 87 20.85 32.46 19.15
N ARG C 88 21.62 32.07 20.15
CA ARG C 88 21.99 32.96 21.25
C ARG C 88 22.87 34.10 20.76
N LYS C 89 23.81 33.79 19.87
CA LYS C 89 24.72 34.80 19.34
C LYS C 89 23.99 35.93 18.62
N ASN C 90 22.86 35.60 18.01
CA ASN C 90 22.06 36.59 17.30
C ASN C 90 20.98 37.15 18.20
N ASN C 91 20.99 36.70 19.46
CA ASN C 91 20.03 37.13 20.47
C ASN C 91 18.59 37.00 20.01
N LEU C 92 18.25 35.83 19.48
CA LEU C 92 16.89 35.56 19.01
C LEU C 92 16.15 34.73 20.04
N THR C 93 14.84 34.95 20.16
CA THR C 93 14.03 34.20 21.10
C THR C 93 13.08 33.29 20.32
N SER C 94 12.91 33.60 19.04
CA SER C 94 12.10 32.81 18.11
C SER C 94 12.82 32.96 16.76
N ALA C 95 12.81 31.91 15.95
CA ALA C 95 13.50 32.01 14.67
C ALA C 95 13.37 30.75 13.84
N TYR C 96 13.79 30.86 12.59
CA TYR C 96 13.81 29.73 11.67
C TYR C 96 15.29 29.46 11.53
N ILE C 97 15.69 28.20 11.58
CA ILE C 97 17.11 27.87 11.46
C ILE C 97 17.32 27.07 10.19
N ARG C 98 18.39 27.40 9.47
CA ARG C 98 18.71 26.71 8.24
C ARG C 98 20.10 26.08 8.22
N PRO C 99 20.20 24.82 8.68
CA PRO C 99 21.50 24.14 8.66
C PRO C 99 21.68 23.69 7.21
N LEU C 100 22.89 23.80 6.68
CA LEU C 100 23.16 23.39 5.31
C LEU C 100 24.54 22.74 5.21
N ILE C 101 24.57 21.50 4.72
CA ILE C 101 25.82 20.76 4.53
C ILE C 101 25.98 20.70 3.02
N PHE C 102 27.11 21.19 2.52
CA PHE C 102 27.30 21.20 1.08
C PHE C 102 28.69 20.91 0.56
N VAL C 103 28.77 20.42 -0.67
CA VAL C 103 30.07 20.16 -1.27
C VAL C 103 30.52 21.53 -1.79
N GLY C 104 31.67 21.98 -1.29
CA GLY C 104 32.16 23.29 -1.68
C GLY C 104 33.10 23.36 -2.87
N ASP C 105 34.14 24.18 -2.71
CA ASP C 105 35.15 24.39 -3.74
C ASP C 105 36.10 23.21 -3.81
N VAL C 106 35.73 22.19 -4.59
CA VAL C 106 36.54 20.99 -4.69
C VAL C 106 36.88 20.60 -6.13
N GLY C 107 36.51 21.45 -7.08
CA GLY C 107 36.79 21.17 -8.48
C GLY C 107 35.52 20.83 -9.25
N MET C 108 35.55 20.98 -10.57
CA MET C 108 34.38 20.66 -11.38
C MET C 108 34.26 19.15 -11.58
N GLY C 109 33.12 18.71 -12.11
CA GLY C 109 32.92 17.28 -12.29
C GLY C 109 32.01 16.79 -11.17
N VAL C 110 30.85 16.26 -11.54
CA VAL C 110 29.89 15.80 -10.55
C VAL C 110 30.46 14.92 -9.42
N ASN C 111 31.44 14.06 -9.72
CA ASN C 111 32.02 13.23 -8.69
C ASN C 111 33.14 13.96 -7.94
N PRO C 112 32.94 14.28 -6.65
CA PRO C 112 33.97 14.98 -5.87
C PRO C 112 35.22 14.13 -5.72
N PRO C 113 36.37 14.76 -5.54
CA PRO C 113 37.62 14.01 -5.38
C PRO C 113 37.67 13.24 -4.06
N ALA C 114 38.29 12.06 -4.08
CA ALA C 114 38.40 11.25 -2.87
C ALA C 114 39.08 12.08 -1.77
N GLY C 115 38.57 11.95 -0.54
CA GLY C 115 39.16 12.69 0.57
C GLY C 115 38.59 14.06 0.83
N TYR C 116 37.69 14.52 -0.02
CA TYR C 116 37.08 15.84 0.13
C TYR C 116 36.27 15.92 1.42
N SER C 117 36.01 17.16 1.86
CA SER C 117 35.22 17.42 3.05
C SER C 117 34.05 18.31 2.67
N THR C 118 33.01 18.37 3.49
CA THR C 118 31.89 19.24 3.17
C THR C 118 32.01 20.51 4.02
N ASP C 119 31.32 21.54 3.57
CA ASP C 119 31.27 22.79 4.30
C ASP C 119 29.92 22.77 4.99
N VAL C 120 29.83 23.35 6.18
CA VAL C 120 28.58 23.37 6.90
C VAL C 120 28.25 24.76 7.40
N ILE C 121 26.99 25.16 7.20
CA ILE C 121 26.49 26.46 7.61
C ILE C 121 25.24 26.27 8.44
N ILE C 122 25.02 27.17 9.40
CA ILE C 122 23.81 27.13 10.21
C ILE C 122 23.41 28.58 10.41
N ALA C 123 22.35 29.00 9.73
CA ALA C 123 21.88 30.38 9.82
C ALA C 123 20.55 30.41 10.56
N ALA C 124 20.40 31.40 11.44
CA ALA C 124 19.17 31.56 12.22
C ALA C 124 18.65 32.96 11.92
N PHE C 125 17.34 33.08 11.76
CA PHE C 125 16.73 34.37 11.45
C PHE C 125 15.21 34.27 11.58
N PRO C 126 14.53 35.37 11.94
CA PRO C 126 13.07 35.37 12.09
C PRO C 126 12.41 35.07 10.74
N TRP C 127 11.34 34.27 10.73
CA TRP C 127 10.64 33.95 9.48
C TRP C 127 9.16 33.71 9.79
N GLY C 128 8.31 34.48 9.12
CA GLY C 128 6.88 34.37 9.34
C GLY C 128 6.23 33.13 8.74
N ALA C 129 4.90 33.12 8.77
CA ALA C 129 4.13 32.00 8.23
C ALA C 129 4.50 31.75 6.78
N TYR C 130 4.86 30.51 6.48
CA TYR C 130 5.26 30.10 5.14
C TYR C 130 4.24 30.44 4.07
N LEU C 131 2.95 30.25 4.37
CA LEU C 131 1.92 30.49 3.38
C LEU C 131 1.09 31.77 3.50
N GLY C 132 1.55 32.72 4.31
CA GLY C 132 0.80 33.96 4.43
C GLY C 132 0.35 34.32 5.83
N ALA C 133 0.06 35.62 6.02
CA ALA C 133 -0.36 36.14 7.32
C ALA C 133 -1.70 35.60 7.80
N GLU C 134 -2.58 35.21 6.88
CA GLU C 134 -3.92 34.71 7.24
C GLU C 134 -4.02 33.18 7.13
N ALA C 135 -3.00 32.56 6.58
CA ALA C 135 -2.95 31.11 6.37
C ALA C 135 -3.37 30.20 7.53
N LEU C 136 -2.68 30.32 8.67
CA LEU C 136 -2.97 29.48 9.83
C LEU C 136 -4.41 29.60 10.31
N GLU C 137 -4.92 30.83 10.26
CA GLU C 137 -6.27 31.13 10.71
C GLU C 137 -7.39 30.74 9.74
N GLN C 138 -7.36 31.29 8.54
CA GLN C 138 -8.41 31.05 7.54
C GLN C 138 -8.18 29.93 6.52
N GLY C 139 -6.97 29.38 6.48
CA GLY C 139 -6.69 28.33 5.52
C GLY C 139 -6.30 28.92 4.17
N ILE C 140 -5.79 28.09 3.28
CA ILE C 140 -5.35 28.55 1.96
C ILE C 140 -6.01 27.76 0.83
N ASP C 141 -5.91 28.28 -0.39
CA ASP C 141 -6.47 27.61 -1.55
C ASP C 141 -5.36 26.88 -2.27
N ALA C 142 -5.52 25.56 -2.38
CA ALA C 142 -4.52 24.72 -3.02
C ALA C 142 -4.91 24.29 -4.44
N MET C 143 -3.91 23.88 -5.20
CA MET C 143 -4.12 23.43 -6.58
C MET C 143 -3.32 22.15 -6.80
N VAL C 144 -3.87 21.20 -7.55
CA VAL C 144 -3.13 19.98 -7.87
C VAL C 144 -2.26 20.36 -9.07
N SER C 145 -0.96 20.15 -8.94
CA SER C 145 -0.02 20.52 -9.99
C SER C 145 0.03 19.57 -11.19
N SER C 146 0.52 20.10 -12.31
CA SER C 146 0.66 19.31 -13.52
C SER C 146 2.04 18.67 -13.54
N TRP C 147 2.85 18.97 -12.52
CA TRP C 147 4.19 18.40 -12.39
C TRP C 147 4.17 17.30 -11.33
N ASN C 148 4.84 16.19 -11.59
CA ASN C 148 4.86 15.06 -10.64
C ASN C 148 6.12 15.00 -9.79
N ARG C 149 6.01 14.40 -8.62
CA ARG C 149 7.14 14.24 -7.69
C ARG C 149 8.10 13.16 -8.20
N ALA C 150 9.36 13.27 -7.80
CA ALA C 150 10.40 12.33 -8.20
C ALA C 150 9.95 10.88 -7.99
N ALA C 151 10.28 10.03 -8.95
CA ALA C 151 9.91 8.61 -8.90
C ALA C 151 10.85 7.86 -7.95
N PRO C 152 10.36 6.76 -7.35
CA PRO C 152 11.20 5.98 -6.45
C PRO C 152 12.51 5.56 -7.13
N ASN C 153 13.58 5.50 -6.36
CA ASN C 153 14.88 5.07 -6.87
C ASN C 153 15.53 5.93 -7.95
N THR C 154 15.18 7.21 -8.00
CA THR C 154 15.81 8.14 -8.95
C THR C 154 16.63 9.03 -8.01
N ILE C 155 15.99 10.01 -7.39
CA ILE C 155 16.65 10.83 -6.38
C ILE C 155 15.86 10.51 -5.11
N PRO C 156 16.54 10.05 -4.05
CA PRO C 156 15.90 9.70 -2.77
C PRO C 156 15.02 10.80 -2.20
N THR C 157 13.71 10.57 -2.09
CA THR C 157 12.83 11.60 -1.55
C THR C 157 12.73 11.60 -0.03
N ALA C 158 13.43 10.67 0.61
CA ALA C 158 13.44 10.60 2.07
C ALA C 158 14.52 11.58 2.51
N ALA C 159 15.39 11.94 1.57
CA ALA C 159 16.47 12.87 1.84
C ALA C 159 16.04 14.30 1.51
N LYS C 160 16.43 15.24 2.35
CA LYS C 160 16.09 16.64 2.10
C LYS C 160 17.37 17.22 1.50
N ALA C 161 17.46 17.17 0.18
CA ALA C 161 18.64 17.63 -0.55
C ALA C 161 18.32 18.82 -1.44
N GLY C 162 19.31 19.69 -1.63
CA GLY C 162 19.09 20.86 -2.45
C GLY C 162 18.55 20.57 -3.84
N GLY C 163 19.17 19.62 -4.54
CA GLY C 163 18.74 19.29 -5.88
C GLY C 163 17.28 18.90 -6.03
N ASN C 164 16.70 18.38 -4.95
CA ASN C 164 15.30 17.96 -4.96
C ASN C 164 14.37 19.10 -5.32
N TYR C 165 14.71 20.28 -4.83
CA TYR C 165 13.84 21.43 -4.98
C TYR C 165 13.55 22.06 -6.34
N LEU C 166 14.15 21.53 -7.40
CA LEU C 166 13.81 22.04 -8.73
C LEU C 166 12.34 21.67 -8.92
N SER C 167 11.99 20.48 -8.43
CA SER C 167 10.62 19.96 -8.51
C SER C 167 9.67 20.85 -7.71
N SER C 168 10.05 21.17 -6.47
CA SER C 168 9.21 22.00 -5.63
C SER C 168 9.04 23.39 -6.22
N LEU C 169 10.05 23.87 -6.95
CA LEU C 169 9.95 25.17 -7.58
C LEU C 169 8.89 25.12 -8.69
N LEU C 170 8.92 24.06 -9.50
CA LEU C 170 7.96 23.91 -10.58
C LEU C 170 6.54 23.76 -10.03
N VAL C 171 6.39 22.93 -9.02
CA VAL C 171 5.08 22.70 -8.41
C VAL C 171 4.56 23.95 -7.72
N GLY C 172 5.36 24.52 -6.83
CA GLY C 172 4.95 25.71 -6.11
C GLY C 172 4.72 26.93 -6.97
N SER C 173 5.60 27.17 -7.94
CA SER C 173 5.46 28.34 -8.80
C SER C 173 4.21 28.26 -9.69
N GLU C 174 3.85 27.06 -10.12
CA GLU C 174 2.67 26.89 -10.96
C GLU C 174 1.42 27.30 -10.19
N ALA C 175 1.26 26.78 -8.97
CA ALA C 175 0.10 27.11 -8.16
C ALA C 175 0.00 28.62 -7.97
N ARG C 176 1.11 29.24 -7.63
CA ARG C 176 1.13 30.68 -7.40
C ARG C 176 0.81 31.50 -8.65
N ARG C 177 1.29 31.05 -9.81
CA ARG C 177 1.02 31.74 -11.07
C ARG C 177 -0.46 31.69 -11.41
N HIS C 178 -1.13 30.62 -11.00
CA HIS C 178 -2.55 30.46 -11.28
C HIS C 178 -3.45 31.07 -10.20
N GLY C 179 -2.84 31.76 -9.25
CA GLY C 179 -3.62 32.40 -8.20
C GLY C 179 -3.85 31.60 -6.94
N TYR C 180 -3.20 30.45 -6.80
CA TYR C 180 -3.36 29.64 -5.60
C TYR C 180 -2.20 29.91 -4.64
N GLN C 181 -2.35 29.49 -3.38
CA GLN C 181 -1.31 29.72 -2.39
C GLN C 181 -0.27 28.61 -2.29
N GLU C 182 -0.67 27.40 -2.68
CA GLU C 182 0.26 26.27 -2.68
C GLU C 182 -0.17 25.17 -3.64
N GLY C 183 0.81 24.44 -4.14
CA GLY C 183 0.55 23.35 -5.06
C GLY C 183 0.69 22.00 -4.38
N ILE C 184 -0.17 21.06 -4.76
CA ILE C 184 -0.12 19.71 -4.21
C ILE C 184 0.29 18.85 -5.40
N ALA C 185 1.34 18.07 -5.23
CA ALA C 185 1.83 17.23 -6.31
C ALA C 185 1.46 15.76 -6.17
N LEU C 186 1.28 15.10 -7.30
CA LEU C 186 0.96 13.67 -7.32
C LEU C 186 2.26 12.95 -7.64
N ASP C 187 2.39 11.70 -7.22
CA ASP C 187 3.60 10.97 -7.53
C ASP C 187 3.46 10.46 -8.97
N VAL C 188 4.43 9.68 -9.45
CA VAL C 188 4.37 9.20 -10.82
C VAL C 188 3.27 8.18 -11.09
N ASN C 189 2.58 7.77 -10.03
CA ASN C 189 1.49 6.79 -10.18
C ASN C 189 0.12 7.46 -10.24
N GLY C 190 0.09 8.77 -10.02
CA GLY C 190 -1.18 9.50 -10.05
C GLY C 190 -1.86 9.61 -8.69
N TYR C 191 -1.13 9.32 -7.62
CA TYR C 191 -1.68 9.42 -6.26
C TYR C 191 -1.10 10.65 -5.57
N ILE C 192 -1.75 11.09 -4.50
CA ILE C 192 -1.29 12.26 -3.75
C ILE C 192 0.06 12.02 -3.11
N SER C 193 0.98 12.97 -3.29
CA SER C 193 2.31 12.84 -2.70
C SER C 193 2.43 13.81 -1.53
N GLU C 194 2.65 15.08 -1.85
CA GLU C 194 2.79 16.11 -0.82
C GLU C 194 2.69 17.49 -1.46
N GLY C 195 2.78 18.52 -0.63
CA GLY C 195 2.77 19.87 -1.14
C GLY C 195 4.19 20.20 -1.56
N ALA C 196 4.39 21.32 -2.24
CA ALA C 196 5.73 21.70 -2.69
C ALA C 196 6.75 21.77 -1.54
N GLY C 197 6.28 22.17 -0.37
CA GLY C 197 7.15 22.27 0.80
C GLY C 197 6.38 21.92 2.05
N GLU C 198 5.47 20.98 1.93
CA GLU C 198 4.65 20.56 3.06
C GLU C 198 4.14 19.15 2.84
N ASN C 199 3.73 18.49 3.92
CA ASN C 199 3.15 17.17 3.80
C ASN C 199 1.65 17.41 3.73
N LEU C 200 0.90 16.44 3.20
CA LEU C 200 -0.55 16.59 3.03
C LEU C 200 -1.36 15.62 3.89
N PHE C 201 -2.37 16.16 4.59
CA PHE C 201 -3.25 15.37 5.44
C PHE C 201 -4.70 15.55 5.01
N GLU C 202 -5.51 14.51 5.20
CA GLU C 202 -6.94 14.55 4.89
C GLU C 202 -7.68 14.04 6.11
N VAL C 203 -8.90 14.53 6.31
CA VAL C 203 -9.72 14.12 7.42
C VAL C 203 -11.04 13.67 6.81
N LYS C 204 -11.43 12.45 7.10
CA LYS C 204 -12.66 11.90 6.56
C LYS C 204 -13.32 11.03 7.62
N ASP C 205 -14.54 11.38 7.96
CA ASP C 205 -15.31 10.65 8.97
C ASP C 205 -14.53 10.51 10.28
N GLY C 206 -13.94 11.61 10.72
CA GLY C 206 -13.20 11.63 11.97
C GLY C 206 -11.86 10.92 12.01
N VAL C 207 -11.43 10.40 10.87
CA VAL C 207 -10.16 9.70 10.78
C VAL C 207 -9.15 10.54 9.99
N LEU C 208 -7.90 10.55 10.46
CA LEU C 208 -6.83 11.31 9.81
C LEU C 208 -6.08 10.44 8.80
N PHE C 209 -5.88 10.98 7.60
CA PHE C 209 -5.18 10.26 6.52
C PHE C 209 -4.00 11.05 6.00
N THR C 210 -2.93 10.34 5.64
CA THR C 210 -1.76 10.98 5.05
C THR C 210 -0.99 9.93 4.26
N PRO C 211 -0.41 10.32 3.12
CA PRO C 211 0.34 9.38 2.28
C PRO C 211 1.64 8.88 2.95
N PRO C 212 2.09 7.67 2.57
CA PRO C 212 3.32 7.07 3.12
C PRO C 212 4.52 7.67 2.39
N PHE C 213 5.74 7.39 2.86
CA PHE C 213 6.93 7.93 2.24
C PHE C 213 7.07 7.40 0.81
N THR C 214 6.57 6.19 0.59
CA THR C 214 6.64 5.55 -0.71
C THR C 214 5.76 6.23 -1.75
N SER C 215 5.05 7.27 -1.34
CA SER C 215 4.24 8.02 -2.29
C SER C 215 5.05 9.26 -2.64
N SER C 216 6.37 9.12 -2.51
CA SER C 216 7.32 10.18 -2.83
C SER C 216 7.21 11.38 -1.91
N ALA C 217 6.72 11.17 -0.69
CA ALA C 217 6.55 12.26 0.27
C ALA C 217 7.70 12.30 1.28
N LEU C 218 8.14 13.50 1.63
CA LEU C 218 9.22 13.64 2.60
C LEU C 218 8.75 13.17 3.97
N PRO C 219 9.62 12.45 4.70
CA PRO C 219 9.23 11.98 6.04
C PRO C 219 9.24 13.19 6.96
N GLY C 220 8.23 14.04 6.81
CA GLY C 220 8.13 15.25 7.60
C GLY C 220 8.17 15.04 9.09
N ILE C 221 8.87 15.93 9.78
CA ILE C 221 8.99 15.86 11.22
C ILE C 221 7.74 16.48 11.86
N THR C 222 7.11 17.42 11.16
CA THR C 222 5.88 18.02 11.67
C THR C 222 4.82 16.93 11.49
N ARG C 223 4.85 16.28 10.33
CA ARG C 223 3.95 15.18 9.99
C ARG C 223 3.98 14.12 11.09
N ASP C 224 5.19 13.68 11.44
CA ASP C 224 5.37 12.68 12.47
C ASP C 224 4.82 13.16 13.81
N ALA C 225 5.06 14.41 14.14
CA ALA C 225 4.58 14.97 15.39
C ALA C 225 3.04 14.95 15.41
N ILE C 226 2.44 15.30 14.28
CA ILE C 226 0.99 15.34 14.16
C ILE C 226 0.39 13.97 14.36
N ILE C 227 1.01 12.96 13.76
CA ILE C 227 0.54 11.58 13.90
C ILE C 227 0.58 11.16 15.37
N LYS C 228 1.62 11.61 16.10
CA LYS C 228 1.74 11.27 17.52
C LYS C 228 0.74 12.04 18.37
N LEU C 229 0.55 13.32 18.06
CA LEU C 229 -0.40 14.15 18.79
C LEU C 229 -1.82 13.61 18.58
N ALA C 230 -2.12 13.23 17.34
CA ALA C 230 -3.43 12.69 17.00
C ALA C 230 -3.74 11.44 17.81
N LYS C 231 -2.74 10.57 17.94
CA LYS C 231 -2.97 9.35 18.70
C LYS C 231 -3.18 9.70 20.17
N GLU C 232 -2.53 10.76 20.64
CA GLU C 232 -2.71 11.19 22.03
C GLU C 232 -4.13 11.73 22.19
N LEU C 233 -4.65 12.35 21.14
CA LEU C 233 -5.98 12.93 21.17
C LEU C 233 -7.08 11.91 20.87
N GLY C 234 -6.70 10.66 20.68
CA GLY C 234 -7.66 9.62 20.40
C GLY C 234 -8.19 9.64 18.97
N ILE C 235 -7.44 10.25 18.07
CA ILE C 235 -7.84 10.33 16.66
C ILE C 235 -7.16 9.20 15.87
N GLU C 236 -7.94 8.40 15.16
CA GLU C 236 -7.37 7.30 14.38
C GLU C 236 -6.56 7.90 13.24
N VAL C 237 -5.42 7.28 12.94
CA VAL C 237 -4.54 7.73 11.87
C VAL C 237 -4.25 6.60 10.90
N ARG C 238 -4.40 6.87 9.61
CA ARG C 238 -4.15 5.87 8.59
C ARG C 238 -3.16 6.42 7.58
N GLU C 239 -1.98 5.80 7.51
CA GLU C 239 -0.96 6.20 6.57
C GLU C 239 -1.19 5.29 5.38
N GLN C 240 -1.74 5.85 4.31
CA GLN C 240 -2.06 5.07 3.14
C GLN C 240 -2.07 5.90 1.87
N VAL C 241 -1.93 5.23 0.74
CA VAL C 241 -1.96 5.91 -0.55
C VAL C 241 -3.33 6.56 -0.68
N LEU C 242 -3.37 7.74 -1.29
CA LEU C 242 -4.62 8.47 -1.45
C LEU C 242 -4.82 8.88 -2.90
N SER C 243 -6.06 8.74 -3.39
CA SER C 243 -6.38 9.10 -4.77
C SER C 243 -6.40 10.62 -4.90
N ARG C 244 -6.25 11.09 -6.13
CA ARG C 244 -6.27 12.53 -6.39
C ARG C 244 -7.63 13.11 -6.01
N GLU C 245 -8.72 12.42 -6.34
CA GLU C 245 -10.05 12.92 -6.04
C GLU C 245 -10.44 12.88 -4.56
N SER C 246 -9.69 12.14 -3.74
CA SER C 246 -10.00 12.08 -2.31
C SER C 246 -9.95 13.51 -1.73
N LEU C 247 -9.23 14.38 -2.41
CA LEU C 247 -9.09 15.77 -1.98
C LEU C 247 -10.43 16.50 -2.03
N TYR C 248 -11.28 16.10 -2.98
CA TYR C 248 -12.58 16.74 -3.15
C TYR C 248 -13.65 16.16 -2.24
N LEU C 249 -13.42 14.95 -1.74
CA LEU C 249 -14.39 14.28 -0.89
C LEU C 249 -14.07 14.32 0.61
N ALA C 250 -12.84 14.70 0.94
CA ALA C 250 -12.44 14.75 2.34
C ALA C 250 -13.24 15.81 3.08
N ASP C 251 -13.47 15.59 4.38
CA ASP C 251 -14.20 16.56 5.18
C ASP C 251 -13.31 17.76 5.49
N GLU C 252 -12.01 17.48 5.62
CA GLU C 252 -11.01 18.51 5.90
C GLU C 252 -9.71 18.18 5.19
N VAL C 253 -8.90 19.20 4.92
CA VAL C 253 -7.59 19.02 4.28
C VAL C 253 -6.64 20.03 4.90
N PHE C 254 -5.43 19.62 5.22
CA PHE C 254 -4.45 20.56 5.74
C PHE C 254 -3.02 20.16 5.40
N MET C 255 -2.11 21.12 5.44
CA MET C 255 -0.71 20.83 5.11
C MET C 255 0.12 21.02 6.37
N SER C 256 1.25 20.32 6.45
CA SER C 256 2.11 20.43 7.62
C SER C 256 3.56 20.65 7.21
N GLY C 257 4.33 21.29 8.07
CA GLY C 257 5.72 21.54 7.77
C GLY C 257 6.31 22.46 8.83
N THR C 258 7.64 22.53 8.89
CA THR C 258 8.32 23.37 9.87
C THR C 258 8.01 24.84 9.62
N ALA C 259 8.07 25.25 8.37
CA ALA C 259 7.79 26.64 8.02
C ALA C 259 6.29 26.87 8.01
N ALA C 260 5.56 25.93 7.41
CA ALA C 260 4.11 26.01 7.29
C ALA C 260 3.33 25.61 8.55
N GLU C 261 4.00 25.00 9.53
CA GLU C 261 3.35 24.56 10.76
C GLU C 261 2.12 23.72 10.39
N ILE C 262 0.92 24.15 10.77
CA ILE C 262 -0.31 23.44 10.42
C ILE C 262 -1.22 24.45 9.73
N THR C 263 -1.32 24.33 8.41
CA THR C 263 -2.13 25.26 7.62
C THR C 263 -3.35 24.60 6.99
N PRO C 264 -4.55 25.05 7.38
CA PRO C 264 -5.77 24.47 6.81
C PRO C 264 -5.84 24.76 5.30
N VAL C 265 -6.40 23.82 4.54
CA VAL C 265 -6.58 24.00 3.10
C VAL C 265 -8.10 24.10 2.92
N ARG C 266 -8.60 25.30 2.61
CA ARG C 266 -10.05 25.52 2.47
C ARG C 266 -10.63 25.15 1.11
N SER C 267 -9.76 24.96 0.12
CA SER C 267 -10.24 24.58 -1.20
C SER C 267 -9.12 23.95 -2.01
N VAL C 268 -9.50 23.11 -2.97
CA VAL C 268 -8.55 22.46 -3.85
C VAL C 268 -9.09 22.52 -5.27
N ASP C 269 -8.30 23.10 -6.18
CA ASP C 269 -8.71 23.26 -7.57
C ASP C 269 -10.05 24.00 -7.65
N GLY C 270 -10.24 24.94 -6.74
CA GLY C 270 -11.47 25.73 -6.73
C GLY C 270 -12.66 25.06 -6.08
N ILE C 271 -12.50 23.81 -5.67
CA ILE C 271 -13.59 23.09 -5.01
C ILE C 271 -13.43 23.28 -3.51
N GLN C 272 -14.48 23.83 -2.89
CA GLN C 272 -14.47 24.10 -1.46
C GLN C 272 -14.41 22.84 -0.60
N VAL C 273 -13.55 22.86 0.42
CA VAL C 273 -13.44 21.73 1.33
C VAL C 273 -14.31 22.04 2.54
N GLY C 274 -15.23 21.14 2.88
CA GLY C 274 -16.10 21.38 4.01
C GLY C 274 -16.77 22.74 3.91
N GLU C 275 -16.83 23.46 5.04
CA GLU C 275 -17.45 24.78 5.07
C GLU C 275 -16.53 25.88 4.52
N GLY C 276 -15.38 25.50 3.99
CA GLY C 276 -14.46 26.48 3.45
C GLY C 276 -13.66 27.20 4.52
N ARG C 277 -13.61 26.59 5.70
CA ARG C 277 -12.87 27.17 6.81
C ARG C 277 -12.14 26.04 7.54
N CYS C 278 -11.33 26.41 8.53
CA CYS C 278 -10.61 25.40 9.30
C CYS C 278 -11.58 24.32 9.78
N GLY C 279 -11.20 23.06 9.57
CA GLY C 279 -12.06 21.96 9.98
C GLY C 279 -11.92 21.68 11.47
N PRO C 280 -12.92 21.00 12.07
CA PRO C 280 -12.84 20.72 13.50
C PRO C 280 -11.63 19.89 13.96
N VAL C 281 -11.30 18.83 13.23
CA VAL C 281 -10.14 18.00 13.59
C VAL C 281 -8.84 18.77 13.36
N THR C 282 -8.79 19.56 12.29
CA THR C 282 -7.62 20.35 11.98
C THR C 282 -7.37 21.31 13.14
N LYS C 283 -8.46 21.90 13.65
CA LYS C 283 -8.37 22.83 14.76
C LYS C 283 -7.88 22.14 16.04
N ARG C 284 -8.35 20.93 16.31
CA ARG C 284 -7.90 20.21 17.50
C ARG C 284 -6.39 19.98 17.44
N ILE C 285 -5.92 19.56 16.27
CA ILE C 285 -4.50 19.29 16.09
C ILE C 285 -3.68 20.55 16.15
N GLN C 286 -4.18 21.62 15.53
CA GLN C 286 -3.50 22.90 15.52
C GLN C 286 -3.34 23.42 16.96
N GLN C 287 -4.42 23.36 17.74
CA GLN C 287 -4.36 23.82 19.12
C GLN C 287 -3.44 22.94 19.95
N ALA C 288 -3.48 21.62 19.71
CA ALA C 288 -2.62 20.70 20.44
C ALA C 288 -1.15 20.99 20.09
N PHE C 289 -0.90 21.40 18.85
CA PHE C 289 0.46 21.70 18.41
C PHE C 289 1.00 22.96 19.07
N PHE C 290 0.31 24.08 18.86
CA PHE C 290 0.75 25.34 19.46
C PHE C 290 0.67 25.33 20.97
N GLY C 291 -0.04 24.36 21.53
CA GLY C 291 -0.17 24.24 22.97
C GLY C 291 1.14 23.73 23.57
N LEU C 292 1.99 23.15 22.71
CA LEU C 292 3.27 22.65 23.17
C LEU C 292 4.13 23.81 23.64
N PHE C 293 3.88 24.99 23.09
CA PHE C 293 4.68 26.16 23.43
C PHE C 293 4.05 27.11 24.44
N THR C 294 2.95 26.69 25.05
CA THR C 294 2.29 27.51 26.06
C THR C 294 2.21 26.67 27.34
N GLY C 295 2.50 25.39 27.21
CA GLY C 295 2.43 24.50 28.35
C GLY C 295 1.11 23.76 28.43
N GLU C 296 0.16 24.17 27.59
CA GLU C 296 -1.17 23.56 27.56
C GLU C 296 -1.09 22.09 27.13
N THR C 297 -0.15 21.78 26.23
CA THR C 297 0.04 20.41 25.76
C THR C 297 1.33 19.86 26.36
N GLU C 298 1.19 18.86 27.23
CA GLU C 298 2.36 18.26 27.87
C GLU C 298 3.34 17.66 26.86
N ASP C 299 4.60 18.07 26.97
CA ASP C 299 5.64 17.59 26.09
C ASP C 299 6.07 16.20 26.56
N LYS C 300 5.29 15.19 26.16
CA LYS C 300 5.54 13.81 26.54
C LYS C 300 6.64 13.11 25.77
N TRP C 301 7.01 13.65 24.62
CA TRP C 301 8.03 13.02 23.79
C TRP C 301 9.38 13.70 23.89
N GLY C 302 9.44 14.83 24.59
CA GLY C 302 10.68 15.56 24.73
C GLY C 302 11.03 16.20 23.40
N TRP C 303 10.16 17.11 22.96
CA TRP C 303 10.36 17.80 21.68
C TRP C 303 10.87 19.23 21.81
N LEU C 304 10.93 19.76 23.03
CA LEU C 304 11.39 21.13 23.21
C LEU C 304 12.80 21.19 23.79
N ASP C 305 13.78 21.44 22.93
CA ASP C 305 15.17 21.53 23.35
C ASP C 305 15.52 22.96 23.77
N GLN C 306 15.85 23.15 25.04
CA GLN C 306 16.18 24.48 25.55
C GLN C 306 17.37 25.10 24.84
N VAL C 307 17.20 26.32 24.33
CA VAL C 307 18.31 27.01 23.68
C VAL C 307 19.24 27.48 24.78
N ASN C 308 18.61 28.13 25.78
CA ASN C 308 19.23 28.74 26.94
C ASN C 308 19.31 30.24 26.60
N1 PGU D . -17.86 -1.48 -8.83
C2 PGU D . -18.54 -1.08 -9.98
C2A PGU D . -17.55 -0.90 -11.11
C3 PGU D . -20.00 -0.91 -9.90
O3 PGU D . -20.53 -0.52 -11.09
C4 PGU D . -20.73 -1.13 -8.71
C4A PGU D . -22.24 -0.95 -8.63
C5 PGU D . -19.88 -1.54 -7.60
C6 PGU D . -18.49 -1.71 -7.64
C5A PGU D . -20.44 -1.82 -6.21
O4P PGU D . -20.85 -0.71 -5.51
P PGU D . -22.14 -0.70 -4.57
O1P PGU D . -21.99 -1.57 -3.42
O2P PGU D . -23.31 -0.86 -5.53
O3P PGU D . -22.13 0.69 -3.98
N PGU D . -22.78 -1.57 -9.92
CA PGU D . -24.11 -1.96 -10.03
CB PGU D . -24.67 -2.41 -11.37
CG PGU D . -23.96 -1.83 -12.60
CD PGU D . -24.87 -1.88 -13.82
OE1 PGU D . -24.58 -2.70 -14.66
OE2 PGU D . -25.79 -1.04 -13.79
C PGU D . -25.03 -1.96 -8.79
O PGU D . -26.03 -1.02 -8.90
OXT PGU D . -24.86 -2.75 -7.76
N1 PGU E . 12.63 -15.27 -1.71
C2 PGU E . 13.14 -16.13 -2.68
C2A PGU E . 13.27 -15.39 -4.00
C3 PGU E . 13.43 -17.52 -2.27
O3 PGU E . 13.92 -18.25 -3.29
C4 PGU E . 13.23 -18.00 -0.95
C4A PGU E . 13.54 -19.47 -0.56
C5 PGU E . 12.70 -16.98 -0.07
C6 PGU E . 12.41 -15.66 -0.42
C5A PGU E . 12.39 -17.27 1.38
O4P PGU E . 11.33 -18.12 1.62
P PGU E . 11.31 -19.18 2.80
O1P PGU E . 11.27 -18.55 4.09
O2P PGU E . 12.39 -20.17 2.46
O3P PGU E . 9.94 -19.80 2.66
N PGU E . 14.88 -19.77 -1.25
CA PGU E . 15.79 -20.70 -0.74
CB PGU E . 17.11 -20.95 -1.45
CG PGU E . 17.13 -20.68 -2.95
CD PGU E . 18.05 -21.67 -3.64
OE1 PGU E . 17.56 -22.74 -3.91
OE2 PGU E . 19.20 -21.23 -3.83
C PGU E . 15.50 -21.46 0.57
O PGU E . 15.32 -22.79 0.31
OXT PGU E . 15.44 -20.90 1.74
N1 PGU F . 7.86 18.17 1.98
C2 PGU F . 8.81 19.03 1.42
C2A PGU F . 8.93 18.75 -0.07
C3 PGU F . 9.47 19.99 2.32
O3 PGU F . 10.35 20.76 1.65
C4 PGU F . 9.20 20.07 3.70
C4A PGU F . 9.91 21.08 4.64
C5 PGU F . 8.20 19.12 4.13
C6 PGU F . 7.54 18.19 3.31
C5A PGU F . 7.77 19.03 5.58
O4P PGU F . 8.72 18.54 6.42
P PGU F . 8.93 19.04 7.93
O1P PGU F . 7.75 18.80 8.72
O2P PGU F . 9.51 20.42 7.80
O3P PGU F . 9.94 18.05 8.45
N PGU F . 10.05 22.36 3.82
CA PGU F . 10.22 23.60 4.43
CB PGU F . 10.45 24.84 3.59
CG PGU F . 11.06 24.59 2.23
CD PGU F . 11.70 25.87 1.74
OE1 PGU F . 12.81 26.10 2.20
OE2 PGU F . 11.00 26.50 0.91
C PGU F . 10.14 23.76 5.96
O PGU F . 11.35 24.17 6.48
OXT PGU F . 9.06 23.56 6.65
#